data_9C9A
#
_entry.id   9C9A
#
_cell.length_a   69.150
_cell.length_b   76.440
_cell.length_c   123.470
_cell.angle_alpha   90.00
_cell.angle_beta   90.00
_cell.angle_gamma   90.00
#
_symmetry.space_group_name_H-M   'P 21 21 21'
#
loop_
_entity.id
_entity.type
_entity.pdbx_description
1 polymer AprG
2 non-polymer 2-acetamido-2,3-dideoxy-D-ribo-hexitol
3 water water
#
_entity_poly.entity_id   1
_entity_poly.type   'polypeptide(L)'
_entity_poly.pdbx_seq_one_letter_code
;LSGNSPHELKNAAQRAADWLVERQRPNGALPSRTAVIESCYKGMWALHTAGHTQAASAVADYVTSLLQPDGDIPQPREER
YFLDVHYLYANGYLTIGAHVLGRFGLSRKLMSFVETMRNPATGGFRSHGPAIPGDGRCDSVSTSISGLAALYTGRVDTAR
SAADFLGSLWVGQPDRKNVFHAVADASGAVLTSDDAVAVQVRKAEGDWYFIGLPAFFLTALYEATEDRAYLDLATDLMTY
MDEDCDEDAFVDSSCGKAGVAAALLYRLTGRPRYREIAEGIGTLLCERQSPYGYWSEEETGDVADLFWGDLDMTAEYVLW
LDLIGRNLASGERVWAGKR
;
_entity_poly.pdbx_strand_id   A,B
#
loop_
_chem_comp.id
_chem_comp.type
_chem_comp.name
_chem_comp.formula
A1AVA non-polymer 2-acetamido-2,3-dideoxy-D-ribo-hexitol 'C8 H17 N O5'
#
# COMPACT_ATOMS: atom_id res chain seq x y z
N GLY A 3 9.98 -28.08 -4.21
CA GLY A 3 9.71 -26.87 -4.96
C GLY A 3 10.75 -25.80 -4.77
N ASN A 4 10.45 -24.59 -5.24
CA ASN A 4 11.37 -23.47 -5.16
C ASN A 4 11.13 -22.68 -3.88
N SER A 5 12.18 -22.02 -3.41
CA SER A 5 12.15 -21.27 -2.16
C SER A 5 11.49 -19.92 -2.35
N PRO A 6 10.98 -19.31 -1.28
CA PRO A 6 10.44 -17.94 -1.40
C PRO A 6 11.40 -16.96 -2.07
N HIS A 7 12.69 -17.05 -1.74
CA HIS A 7 13.67 -16.17 -2.38
C HIS A 7 13.70 -16.40 -3.89
N GLU A 8 13.66 -17.67 -4.32
CA GLU A 8 13.68 -17.95 -5.75
C GLU A 8 12.42 -17.45 -6.45
N LEU A 9 11.27 -17.59 -5.81
CA LEU A 9 10.04 -17.03 -6.39
C LEU A 9 10.16 -15.51 -6.55
N LYS A 10 10.69 -14.85 -5.52
CA LYS A 10 10.85 -13.39 -5.58
C LYS A 10 11.84 -13.00 -6.67
N ASN A 11 12.93 -13.76 -6.81
CA ASN A 11 13.89 -13.46 -7.87
C ASN A 11 13.24 -13.48 -9.25
N ALA A 12 12.34 -14.46 -9.48
CA ALA A 12 11.64 -14.52 -10.76
C ALA A 12 10.76 -13.29 -10.94
N ALA A 13 10.04 -12.90 -9.89
CA ALA A 13 9.20 -11.71 -9.97
C ALA A 13 10.02 -10.48 -10.32
N GLN A 14 11.19 -10.33 -9.67
CA GLN A 14 12.01 -9.14 -9.92
C GLN A 14 12.54 -9.10 -11.35
N ARG A 15 12.94 -10.25 -11.90
CA ARG A 15 13.41 -10.26 -13.28
C ARG A 15 12.31 -9.84 -14.25
N ALA A 16 11.07 -10.26 -13.99
CA ALA A 16 9.96 -9.85 -14.84
C ALA A 16 9.68 -8.37 -14.67
N ALA A 17 9.70 -7.87 -13.43
CA ALA A 17 9.49 -6.44 -13.24
C ALA A 17 10.53 -5.62 -13.97
N ASP A 18 11.80 -6.03 -13.87
CA ASP A 18 12.86 -5.36 -14.62
C ASP A 18 12.58 -5.38 -16.11
N TRP A 19 12.15 -6.53 -16.64
CA TRP A 19 11.80 -6.63 -18.06
C TRP A 19 10.74 -5.58 -18.44
N LEU A 20 9.70 -5.44 -17.61
CA LEU A 20 8.63 -4.48 -17.89
C LEU A 20 9.15 -3.05 -17.88
N VAL A 21 9.91 -2.70 -16.85
CA VAL A 21 10.32 -1.30 -16.66
C VAL A 21 11.28 -0.87 -17.76
N GLU A 22 12.13 -1.79 -18.21
CA GLU A 22 13.06 -1.47 -19.28
C GLU A 22 12.31 -1.05 -20.55
N ARG A 23 11.08 -1.51 -20.72
CA ARG A 23 10.33 -1.29 -21.94
C ARG A 23 9.16 -0.34 -21.74
N GLN A 24 9.03 0.23 -20.56
CA GLN A 24 7.94 1.16 -20.30
C GLN A 24 8.05 2.38 -21.20
N ARG A 25 6.92 2.86 -21.67
CA ARG A 25 6.88 4.00 -22.58
C ARG A 25 6.98 5.32 -21.81
N PRO A 26 7.36 6.41 -22.49
CA PRO A 26 7.57 7.68 -21.75
C PRO A 26 6.35 8.17 -21.02
N ASN A 27 5.14 7.90 -21.52
CA ASN A 27 3.92 8.34 -20.85
C ASN A 27 3.53 7.42 -19.70
N GLY A 28 4.29 6.36 -19.45
CA GLY A 28 4.02 5.43 -18.36
C GLY A 28 3.33 4.15 -18.78
N ALA A 29 2.84 4.06 -20.00
CA ALA A 29 2.17 2.84 -20.45
C ALA A 29 3.16 1.67 -20.51
N LEU A 30 2.69 0.48 -20.18
CA LEU A 30 3.52 -0.70 -20.31
C LEU A 30 3.56 -1.16 -21.78
N PRO A 31 4.57 -1.97 -22.16
CA PRO A 31 4.79 -2.25 -23.61
C PRO A 31 3.85 -3.29 -24.23
N SER A 32 2.62 -2.85 -24.48
CA SER A 32 1.59 -3.68 -25.09
C SER A 32 1.49 -3.40 -26.58
N ARG A 33 1.25 -4.46 -27.37
CA ARG A 33 1.04 -4.27 -28.81
C ARG A 33 -0.27 -3.57 -29.12
N THR A 34 -1.18 -3.46 -28.15
CA THR A 34 -2.40 -2.68 -28.29
C THR A 34 -2.57 -1.81 -27.06
N ALA A 35 -2.91 -0.55 -27.29
CA ALA A 35 -3.12 0.39 -26.18
C ALA A 35 -4.50 0.17 -25.58
N VAL A 36 -4.58 -0.68 -24.55
CA VAL A 36 -5.84 -1.01 -23.90
C VAL A 36 -5.60 -1.10 -22.40
N ILE A 37 -6.60 -0.72 -21.62
CA ILE A 37 -6.39 -0.72 -20.16
C ILE A 37 -6.18 -2.14 -19.65
N GLU A 38 -6.73 -3.14 -20.33
CA GLU A 38 -6.55 -4.51 -19.88
C GLU A 38 -5.13 -5.04 -20.10
N SER A 39 -4.25 -4.24 -20.71
CA SER A 39 -2.83 -4.59 -20.79
C SER A 39 -2.03 -4.16 -19.57
N CYS A 40 -2.54 -3.23 -18.74
CA CYS A 40 -1.69 -2.70 -17.70
C CYS A 40 -2.40 -2.45 -16.37
N TYR A 41 -3.61 -2.98 -16.17
CA TYR A 41 -4.37 -2.66 -14.96
C TYR A 41 -3.70 -3.20 -13.70
N LYS A 42 -2.91 -4.27 -13.78
CA LYS A 42 -2.18 -4.77 -12.61
C LYS A 42 -0.82 -4.10 -12.46
N GLY A 43 -0.47 -3.16 -13.36
CA GLY A 43 0.88 -2.64 -13.40
C GLY A 43 1.29 -1.85 -12.17
N MET A 44 0.40 -0.98 -11.68
CA MET A 44 0.76 -0.17 -10.51
C MET A 44 1.07 -1.05 -9.32
N TRP A 45 0.18 -1.99 -9.02
CA TRP A 45 0.37 -2.81 -7.83
C TRP A 45 1.58 -3.73 -8.00
N ALA A 46 1.70 -4.36 -9.18
CA ALA A 46 2.82 -5.29 -9.40
C ALA A 46 4.15 -4.57 -9.30
N LEU A 47 4.25 -3.41 -9.94
CA LEU A 47 5.54 -2.75 -9.98
C LEU A 47 5.91 -2.19 -8.63
N HIS A 48 4.90 -1.75 -7.87
CA HIS A 48 5.18 -1.27 -6.52
C HIS A 48 5.71 -2.40 -5.65
N THR A 49 5.12 -3.60 -5.75
CA THR A 49 5.60 -4.73 -4.95
CA THR A 49 5.60 -4.74 -4.96
C THR A 49 7.04 -5.10 -5.32
N ALA A 50 7.47 -4.81 -6.54
CA ALA A 50 8.82 -5.11 -6.94
C ALA A 50 9.78 -3.99 -6.59
N GLY A 51 9.30 -2.93 -5.92
CA GLY A 51 10.13 -1.81 -5.58
C GLY A 51 10.33 -0.80 -6.69
N HIS A 52 9.70 -1.00 -7.84
CA HIS A 52 9.86 -0.08 -8.97
C HIS A 52 8.82 1.03 -8.86
N THR A 53 9.02 1.90 -7.86
CA THR A 53 7.96 2.84 -7.52
C THR A 53 7.86 3.99 -8.52
N GLN A 54 8.97 4.34 -9.19
CA GLN A 54 8.84 5.38 -10.21
C GLN A 54 8.11 4.86 -11.43
N ALA A 55 8.38 3.60 -11.80
CA ALA A 55 7.62 2.98 -12.89
C ALA A 55 6.16 2.82 -12.51
N ALA A 56 5.90 2.40 -11.26
CA ALA A 56 4.51 2.28 -10.82
C ALA A 56 3.81 3.64 -10.84
N SER A 57 4.50 4.68 -10.36
CA SER A 57 3.90 6.01 -10.39
C SER A 57 3.70 6.49 -11.82
N ALA A 58 4.56 6.07 -12.75
CA ALA A 58 4.36 6.38 -14.16
C ALA A 58 3.11 5.70 -14.69
N VAL A 59 2.86 4.44 -14.31
CA VAL A 59 1.59 3.84 -14.70
C VAL A 59 0.44 4.64 -14.11
N ALA A 60 0.59 5.12 -12.86
CA ALA A 60 -0.48 5.93 -12.27
C ALA A 60 -0.71 7.20 -13.06
N ASP A 61 0.36 7.82 -13.57
CA ASP A 61 0.23 9.01 -14.42
C ASP A 61 -0.56 8.70 -15.68
N TYR A 62 -0.23 7.57 -16.33
CA TYR A 62 -0.94 7.14 -17.52
C TYR A 62 -2.41 6.86 -17.21
N VAL A 63 -2.66 6.13 -16.13
CA VAL A 63 -4.02 5.82 -15.75
C VAL A 63 -4.79 7.10 -15.43
N THR A 64 -4.14 8.06 -14.76
CA THR A 64 -4.79 9.32 -14.44
C THR A 64 -5.19 10.08 -15.70
N SER A 65 -4.36 10.01 -16.75
CA SER A 65 -4.68 10.65 -18.02
C SER A 65 -5.91 10.04 -18.69
N LEU A 66 -6.30 8.82 -18.32
CA LEU A 66 -7.49 8.18 -18.90
C LEU A 66 -8.74 8.37 -18.04
N LEU A 67 -8.58 8.82 -16.80
CA LEU A 67 -9.67 8.86 -15.85
C LEU A 67 -10.75 9.85 -16.26
N GLN A 68 -12.01 9.40 -16.25
CA GLN A 68 -13.17 10.21 -16.63
C GLN A 68 -13.77 10.85 -15.39
N PRO A 69 -14.63 11.86 -15.57
CA PRO A 69 -15.19 12.56 -14.40
C PRO A 69 -15.96 11.67 -13.44
N ASP A 70 -16.54 10.57 -13.91
CA ASP A 70 -17.28 9.70 -13.00
C ASP A 70 -16.38 8.72 -12.25
N GLY A 71 -15.06 8.76 -12.48
CA GLY A 71 -14.14 7.86 -11.81
C GLY A 71 -13.89 6.54 -12.52
N ASP A 72 -14.42 6.37 -13.73
CA ASP A 72 -14.24 5.14 -14.50
C ASP A 72 -13.17 5.35 -15.56
N ILE A 73 -12.65 4.24 -16.07
CA ILE A 73 -11.81 4.22 -17.27
C ILE A 73 -12.52 3.34 -18.30
N PRO A 74 -13.49 3.91 -19.02
CA PRO A 74 -14.30 3.11 -19.94
C PRO A 74 -13.57 2.74 -21.21
N GLN A 75 -12.51 3.45 -21.55
CA GLN A 75 -11.74 3.29 -22.76
C GLN A 75 -10.29 3.62 -22.44
N PRO A 76 -9.32 3.02 -23.16
CA PRO A 76 -9.48 2.03 -24.24
C PRO A 76 -9.73 0.63 -23.69
N ARG A 77 -10.79 -0.02 -24.16
CA ARG A 77 -11.09 -1.41 -23.83
C ARG A 77 -11.46 -2.15 -25.11
N GLU A 78 -10.91 -3.36 -25.29
CA GLU A 78 -11.29 -4.13 -26.48
C GLU A 78 -11.77 -5.54 -26.15
N GLU A 79 -11.15 -6.21 -25.18
CA GLU A 79 -11.47 -7.60 -24.89
C GLU A 79 -12.86 -7.71 -24.25
N ARG A 80 -13.68 -8.61 -24.80
CA ARG A 80 -15.06 -8.75 -24.34
C ARG A 80 -15.16 -9.06 -22.85
N TYR A 81 -14.20 -9.81 -22.30
CA TYR A 81 -14.29 -10.09 -20.86
C TYR A 81 -14.18 -8.82 -20.04
N PHE A 82 -13.57 -7.76 -20.57
CA PHE A 82 -13.48 -6.49 -19.86
C PHE A 82 -14.59 -5.52 -20.24
N LEU A 83 -15.60 -6.01 -20.96
CA LEU A 83 -16.79 -5.24 -21.27
C LEU A 83 -18.03 -5.78 -20.60
N ASP A 84 -18.33 -7.08 -20.76
CA ASP A 84 -19.58 -7.61 -20.22
C ASP A 84 -19.42 -8.92 -19.45
N VAL A 85 -18.20 -9.35 -19.14
CA VAL A 85 -18.04 -10.51 -18.28
C VAL A 85 -17.57 -10.05 -16.90
N HIS A 86 -16.48 -9.29 -16.85
CA HIS A 86 -16.07 -8.70 -15.57
C HIS A 86 -15.39 -7.35 -15.86
N TYR A 87 -16.23 -6.38 -16.23
CA TYR A 87 -15.79 -5.03 -16.52
C TYR A 87 -14.90 -4.47 -15.41
N LEU A 88 -15.33 -4.63 -14.16
CA LEU A 88 -14.63 -4.03 -13.04
C LEU A 88 -13.34 -4.73 -12.65
N TYR A 89 -12.99 -5.84 -13.31
CA TYR A 89 -11.72 -6.48 -13.03
C TYR A 89 -10.57 -5.50 -13.21
N ALA A 90 -10.62 -4.68 -14.26
CA ALA A 90 -9.59 -3.65 -14.43
C ALA A 90 -9.65 -2.63 -13.29
N ASN A 91 -10.84 -2.10 -13.01
CA ASN A 91 -10.98 -1.03 -12.02
C ASN A 91 -10.48 -1.47 -10.65
N GLY A 92 -10.69 -2.74 -10.30
CA GLY A 92 -10.33 -3.19 -8.96
C GLY A 92 -8.83 -3.17 -8.71
N TYR A 93 -8.05 -3.70 -9.65
CA TYR A 93 -6.59 -3.64 -9.47
C TYR A 93 -6.08 -2.21 -9.57
N LEU A 94 -6.69 -1.39 -10.43
CA LEU A 94 -6.29 0.00 -10.53
C LEU A 94 -6.46 0.71 -9.19
N THR A 95 -7.58 0.42 -8.52
CA THR A 95 -7.87 1.03 -7.22
C THR A 95 -6.81 0.64 -6.19
N ILE A 96 -6.54 -0.66 -6.11
CA ILE A 96 -5.56 -1.16 -5.14
C ILE A 96 -4.19 -0.55 -5.40
N GLY A 97 -3.74 -0.62 -6.66
CA GLY A 97 -2.42 -0.09 -6.99
C GLY A 97 -2.29 1.39 -6.68
N ALA A 98 -3.33 2.18 -7.00
CA ALA A 98 -3.29 3.60 -6.71
C ALA A 98 -3.23 3.85 -5.22
N HIS A 99 -4.04 3.13 -4.46
CA HIS A 99 -4.07 3.35 -3.01
C HIS A 99 -2.74 3.03 -2.35
N VAL A 100 -2.16 1.87 -2.67
CA VAL A 100 -0.90 1.47 -2.05
CA VAL A 100 -0.90 1.50 -2.01
C VAL A 100 0.22 2.46 -2.39
N LEU A 101 0.11 3.11 -3.55
CA LEU A 101 1.05 4.14 -3.96
C LEU A 101 0.83 5.46 -3.23
N GLY A 102 -0.25 5.57 -2.48
CA GLY A 102 -0.60 6.83 -1.88
C GLY A 102 -1.23 7.82 -2.84
N ARG A 103 -1.65 7.39 -4.03
CA ARG A 103 -2.38 8.26 -4.97
C ARG A 103 -3.84 8.29 -4.53
N PHE A 104 -4.08 8.99 -3.42
CA PHE A 104 -5.36 8.86 -2.73
C PHE A 104 -6.50 9.51 -3.51
N GLY A 105 -6.22 10.52 -4.32
CA GLY A 105 -7.28 11.09 -5.14
C GLY A 105 -7.70 10.13 -6.24
N LEU A 106 -6.72 9.47 -6.88
CA LEU A 106 -7.01 8.46 -7.88
C LEU A 106 -7.74 7.28 -7.26
N SER A 107 -7.29 6.81 -6.10
CA SER A 107 -7.94 5.64 -5.53
C SER A 107 -9.36 5.97 -5.03
N ARG A 108 -9.55 7.17 -4.44
CA ARG A 108 -10.90 7.55 -4.03
C ARG A 108 -11.85 7.62 -5.22
N LYS A 109 -11.41 8.23 -6.32
CA LYS A 109 -12.28 8.38 -7.48
C LYS A 109 -12.58 7.04 -8.12
N LEU A 110 -11.56 6.20 -8.26
CA LEU A 110 -11.77 4.86 -8.82
C LEU A 110 -12.73 4.07 -7.95
N MET A 111 -12.48 4.04 -6.63
CA MET A 111 -13.28 3.22 -5.73
C MET A 111 -14.70 3.73 -5.65
N SER A 112 -14.89 5.05 -5.69
CA SER A 112 -16.26 5.56 -5.64
C SER A 112 -17.03 5.17 -6.89
N PHE A 113 -16.36 5.12 -8.05
CA PHE A 113 -17.06 4.60 -9.21
C PHE A 113 -17.41 3.13 -9.04
N VAL A 114 -16.45 2.32 -8.57
CA VAL A 114 -16.71 0.90 -8.37
C VAL A 114 -17.96 0.71 -7.52
N GLU A 115 -18.11 1.55 -6.48
CA GLU A 115 -19.28 1.41 -5.59
C GLU A 115 -20.59 1.70 -6.32
N THR A 116 -20.58 2.51 -7.38
CA THR A 116 -21.84 2.76 -8.10
C THR A 116 -22.32 1.54 -8.86
N MET A 117 -21.46 0.54 -9.09
CA MET A 117 -21.87 -0.67 -9.79
C MET A 117 -22.21 -1.80 -8.82
N ARG A 118 -22.27 -1.52 -7.52
CA ARG A 118 -22.73 -2.50 -6.54
C ARG A 118 -24.25 -2.64 -6.60
N ASN A 119 -24.71 -3.87 -6.52
CA ASN A 119 -26.12 -4.16 -6.41
C ASN A 119 -26.47 -4.07 -4.93
N PRO A 120 -27.29 -3.11 -4.49
CA PRO A 120 -27.51 -2.97 -3.05
C PRO A 120 -28.41 -4.04 -2.48
N ALA A 121 -29.09 -4.82 -3.32
CA ALA A 121 -29.92 -5.91 -2.83
C ALA A 121 -29.10 -7.16 -2.54
N THR A 122 -28.06 -7.42 -3.34
CA THR A 122 -27.32 -8.67 -3.23
C THR A 122 -25.87 -8.50 -2.78
N GLY A 123 -25.30 -7.30 -2.91
CA GLY A 123 -23.90 -7.10 -2.64
C GLY A 123 -22.99 -7.47 -3.78
N GLY A 124 -23.53 -8.01 -4.87
CA GLY A 124 -22.70 -8.31 -6.02
C GLY A 124 -22.39 -7.05 -6.82
N PHE A 125 -21.38 -7.15 -7.68
CA PHE A 125 -20.99 -6.04 -8.55
C PHE A 125 -21.29 -6.40 -10.00
N ARG A 126 -21.94 -5.47 -10.70
CA ARG A 126 -22.44 -5.71 -12.04
C ARG A 126 -21.31 -6.06 -13.02
N SER A 127 -21.60 -7.02 -13.91
CA SER A 127 -20.58 -7.57 -14.82
C SER A 127 -20.28 -6.66 -15.99
N HIS A 128 -21.21 -5.80 -16.40
CA HIS A 128 -21.05 -5.01 -17.61
C HIS A 128 -21.00 -3.53 -17.25
N GLY A 129 -20.18 -2.78 -17.96
CA GLY A 129 -19.95 -1.38 -17.64
C GLY A 129 -21.09 -0.50 -18.07
N PRO A 130 -21.04 0.76 -17.63
CA PRO A 130 -22.13 1.72 -17.94
C PRO A 130 -22.46 1.85 -19.40
N ALA A 131 -21.47 1.81 -20.29
CA ALA A 131 -21.73 1.96 -21.71
C ALA A 131 -22.07 0.65 -22.40
N ILE A 132 -22.10 -0.46 -21.66
CA ILE A 132 -22.30 -1.80 -22.20
C ILE A 132 -23.68 -2.27 -21.80
N PRO A 133 -24.60 -2.49 -22.74
CA PRO A 133 -25.93 -2.98 -22.37
C PRO A 133 -25.83 -4.36 -21.74
N GLY A 134 -26.67 -4.58 -20.74
CA GLY A 134 -26.67 -5.86 -20.05
C GLY A 134 -27.91 -5.98 -19.19
N ASP A 135 -28.01 -7.12 -18.52
CA ASP A 135 -29.20 -7.44 -17.73
C ASP A 135 -28.99 -7.28 -16.23
N GLY A 136 -27.90 -6.62 -15.82
CA GLY A 136 -27.66 -6.46 -14.39
C GLY A 136 -27.05 -7.66 -13.70
N ARG A 137 -26.59 -8.66 -14.45
CA ARG A 137 -25.95 -9.81 -13.83
C ARG A 137 -24.69 -9.37 -13.10
N CYS A 138 -24.33 -10.14 -12.07
CA CYS A 138 -23.15 -9.91 -11.24
C CYS A 138 -22.36 -11.21 -11.14
N ASP A 139 -21.04 -11.12 -11.15
CA ASP A 139 -20.21 -12.33 -11.21
C ASP A 139 -19.21 -12.37 -10.06
N SER A 140 -18.63 -13.55 -9.87
CA SER A 140 -17.75 -13.78 -8.72
C SER A 140 -16.46 -12.98 -8.82
N VAL A 141 -16.01 -12.65 -10.03
CA VAL A 141 -14.72 -11.97 -10.18
C VAL A 141 -14.86 -10.47 -9.99
N SER A 142 -15.84 -9.86 -10.66
CA SER A 142 -16.15 -8.45 -10.38
C SER A 142 -16.36 -8.23 -8.90
N THR A 143 -17.08 -9.14 -8.27
CA THR A 143 -17.44 -8.94 -6.87
C THR A 143 -16.24 -9.12 -5.97
N SER A 144 -15.40 -10.14 -6.22
CA SER A 144 -14.24 -10.40 -5.37
CA SER A 144 -14.27 -10.38 -5.33
C SER A 144 -13.19 -9.30 -5.48
N ILE A 145 -12.93 -8.84 -6.70
CA ILE A 145 -11.88 -7.82 -6.85
C ILE A 145 -12.37 -6.50 -6.30
N SER A 146 -13.67 -6.21 -6.44
CA SER A 146 -14.20 -4.98 -5.85
C SER A 146 -14.17 -5.04 -4.34
N GLY A 147 -14.45 -6.22 -3.77
CA GLY A 147 -14.34 -6.36 -2.32
C GLY A 147 -12.90 -6.21 -1.85
N LEU A 148 -11.95 -6.74 -2.62
CA LEU A 148 -10.55 -6.59 -2.25
C LEU A 148 -10.13 -5.13 -2.32
N ALA A 149 -10.55 -4.43 -3.37
CA ALA A 149 -10.27 -3.00 -3.43
C ALA A 149 -10.91 -2.26 -2.27
N ALA A 150 -12.10 -2.70 -1.83
CA ALA A 150 -12.72 -2.09 -0.67
C ALA A 150 -11.87 -2.31 0.57
N LEU A 151 -11.31 -3.51 0.74
CA LEU A 151 -10.45 -3.77 1.89
C LEU A 151 -9.23 -2.86 1.88
N TYR A 152 -8.56 -2.73 0.73
CA TYR A 152 -7.37 -1.88 0.69
C TYR A 152 -7.72 -0.41 0.96
N THR A 153 -8.89 0.06 0.53
CA THR A 153 -9.28 1.45 0.76
C THR A 153 -10.04 1.65 2.07
N GLY A 154 -10.17 0.61 2.88
CA GLY A 154 -10.79 0.76 4.18
C GLY A 154 -12.31 0.75 4.19
N ARG A 155 -12.95 0.40 3.08
CA ARG A 155 -14.42 0.36 3.00
C ARG A 155 -14.90 -1.04 3.35
N VAL A 156 -14.75 -1.37 4.63
CA VAL A 156 -14.90 -2.77 5.04
C VAL A 156 -16.34 -3.23 4.93
N ASP A 157 -17.31 -2.34 5.14
CA ASP A 157 -18.69 -2.76 5.01
C ASP A 157 -19.00 -3.18 3.56
N THR A 158 -18.44 -2.45 2.59
CA THR A 158 -18.59 -2.85 1.20
C THR A 158 -17.98 -4.23 0.96
N ALA A 159 -16.82 -4.49 1.55
CA ALA A 159 -16.21 -5.83 1.40
C ALA A 159 -17.08 -6.90 2.03
N ARG A 160 -17.62 -6.63 3.23
CA ARG A 160 -18.50 -7.62 3.86
CA ARG A 160 -18.50 -7.62 3.86
C ARG A 160 -19.69 -7.93 2.97
N SER A 161 -20.25 -6.90 2.33
CA SER A 161 -21.39 -7.10 1.43
CA SER A 161 -21.39 -7.13 1.45
C SER A 161 -21.01 -7.96 0.24
N ALA A 162 -19.81 -7.72 -0.31
CA ALA A 162 -19.31 -8.56 -1.40
C ALA A 162 -19.21 -10.00 -0.95
N ALA A 163 -18.74 -10.23 0.28
CA ALA A 163 -18.63 -11.59 0.79
C ALA A 163 -20.00 -12.25 0.94
N ASP A 164 -21.02 -11.47 1.31
CA ASP A 164 -22.40 -12.00 1.37
C ASP A 164 -22.83 -12.56 0.02
N PHE A 165 -22.58 -11.79 -1.05
CA PHE A 165 -22.92 -12.24 -2.40
C PHE A 165 -22.21 -13.54 -2.73
N LEU A 166 -20.92 -13.62 -2.44
CA LEU A 166 -20.16 -14.82 -2.74
C LEU A 166 -20.73 -16.03 -1.99
N GLY A 167 -21.18 -15.81 -0.76
CA GLY A 167 -21.78 -16.91 -0.01
C GLY A 167 -23.08 -17.38 -0.63
N SER A 168 -23.90 -16.44 -1.11
CA SER A 168 -25.13 -16.80 -1.79
C SER A 168 -24.85 -17.54 -3.09
N LEU A 169 -23.85 -17.09 -3.84
CA LEU A 169 -23.50 -17.74 -5.10
C LEU A 169 -23.06 -19.18 -4.87
N TRP A 170 -22.26 -19.41 -3.82
CA TRP A 170 -21.77 -20.74 -3.49
C TRP A 170 -22.91 -21.65 -3.04
N VAL A 171 -23.74 -21.15 -2.13
CA VAL A 171 -24.82 -21.97 -1.59
C VAL A 171 -25.86 -22.29 -2.65
N GLY A 172 -26.02 -21.39 -3.63
CA GLY A 172 -27.01 -21.52 -4.68
C GLY A 172 -26.62 -22.36 -5.88
N GLN A 173 -25.44 -22.96 -5.88
CA GLN A 173 -24.99 -23.73 -7.04
C GLN A 173 -25.94 -24.89 -7.29
N PRO A 174 -26.45 -25.06 -8.52
CA PRO A 174 -27.38 -26.18 -8.76
C PRO A 174 -26.71 -27.53 -8.93
N ASP A 175 -25.44 -27.59 -9.34
CA ASP A 175 -24.79 -28.84 -9.71
C ASP A 175 -23.28 -28.71 -9.56
N ARG A 176 -22.83 -28.42 -8.34
CA ARG A 176 -21.45 -27.99 -8.14
C ARG A 176 -20.42 -29.07 -8.47
N LYS A 177 -20.78 -30.36 -8.41
CA LYS A 177 -19.77 -31.36 -8.73
C LYS A 177 -19.43 -31.39 -10.22
N ASN A 178 -20.26 -30.79 -11.08
CA ASN A 178 -19.96 -30.76 -12.50
C ASN A 178 -19.67 -29.37 -13.05
N VAL A 179 -20.21 -28.32 -12.46
CA VAL A 179 -20.07 -26.98 -13.03
C VAL A 179 -20.17 -25.96 -11.90
N PHE A 180 -19.30 -24.95 -11.96
CA PHE A 180 -19.42 -23.79 -11.07
C PHE A 180 -19.95 -22.64 -11.92
N HIS A 181 -21.18 -22.22 -11.63
CA HIS A 181 -21.78 -21.11 -12.33
C HIS A 181 -21.38 -19.84 -11.59
N ALA A 182 -20.58 -18.99 -12.24
CA ALA A 182 -19.91 -17.90 -11.56
C ALA A 182 -20.72 -16.61 -11.57
N VAL A 183 -21.94 -16.64 -12.09
CA VAL A 183 -22.73 -15.45 -12.35
C VAL A 183 -24.10 -15.63 -11.72
N ALA A 184 -24.65 -14.54 -11.17
CA ALA A 184 -26.01 -14.52 -10.68
C ALA A 184 -26.77 -13.40 -11.39
N ASP A 185 -28.09 -13.54 -11.44
CA ASP A 185 -28.87 -12.45 -11.99
C ASP A 185 -28.96 -11.31 -10.96
N ALA A 186 -29.62 -10.23 -11.36
CA ALA A 186 -29.72 -9.05 -10.50
C ALA A 186 -30.44 -9.32 -9.18
N SER A 187 -31.13 -10.44 -9.05
CA SER A 187 -31.79 -10.78 -7.79
C SER A 187 -30.95 -11.74 -6.97
N GLY A 188 -29.80 -12.17 -7.48
CA GLY A 188 -28.94 -13.10 -6.78
C GLY A 188 -29.13 -14.57 -7.11
N ALA A 189 -30.05 -14.93 -8.00
CA ALA A 189 -30.21 -16.32 -8.40
C ALA A 189 -29.08 -16.71 -9.35
N VAL A 190 -28.51 -17.90 -9.13
CA VAL A 190 -27.40 -18.36 -9.96
C VAL A 190 -27.87 -18.50 -11.40
N LEU A 191 -27.07 -17.98 -12.33
CA LEU A 191 -27.38 -17.99 -13.76
C LEU A 191 -26.79 -19.22 -14.42
N THR A 192 -27.63 -19.97 -15.14
CA THR A 192 -27.15 -21.17 -15.81
C THR A 192 -27.24 -21.09 -17.33
N SER A 193 -27.59 -19.93 -17.87
CA SER A 193 -27.67 -19.76 -19.32
C SER A 193 -26.30 -19.92 -19.95
N ASP A 194 -26.31 -20.26 -21.24
CA ASP A 194 -25.07 -20.50 -21.96
C ASP A 194 -24.20 -19.26 -22.07
N ASP A 195 -24.79 -18.06 -22.00
CA ASP A 195 -24.01 -16.84 -22.11
C ASP A 195 -23.40 -16.40 -20.77
N ALA A 196 -23.55 -17.19 -19.71
CA ALA A 196 -23.01 -16.83 -18.40
C ALA A 196 -21.83 -17.74 -18.07
N VAL A 197 -20.78 -17.15 -17.49
CA VAL A 197 -19.56 -17.89 -17.22
C VAL A 197 -19.85 -19.11 -16.37
N ALA A 198 -19.32 -20.26 -16.80
CA ALA A 198 -19.46 -21.52 -16.10
C ALA A 198 -18.13 -22.26 -16.18
N VAL A 199 -17.62 -22.68 -15.03
CA VAL A 199 -16.37 -23.43 -14.98
C VAL A 199 -16.73 -24.91 -14.98
N GLN A 200 -16.29 -25.62 -16.02
CA GLN A 200 -16.47 -27.06 -16.12
C GLN A 200 -15.43 -27.69 -15.22
N VAL A 201 -15.83 -27.97 -13.98
CA VAL A 201 -14.83 -28.30 -12.97
C VAL A 201 -14.20 -29.67 -13.18
N ARG A 202 -14.81 -30.53 -13.99
CA ARG A 202 -14.23 -31.83 -14.30
C ARG A 202 -13.50 -31.82 -15.63
N LYS A 203 -13.29 -30.66 -16.22
CA LYS A 203 -12.53 -30.53 -17.46
C LYS A 203 -11.32 -29.67 -17.20
N ALA A 204 -10.37 -29.71 -18.14
CA ALA A 204 -9.13 -28.94 -18.01
C ALA A 204 -9.17 -27.77 -18.99
N GLU A 205 -10.09 -26.83 -18.72
CA GLU A 205 -10.38 -25.76 -19.67
C GLU A 205 -10.36 -24.38 -19.01
N GLY A 206 -9.61 -24.21 -17.92
CA GLY A 206 -9.36 -22.87 -17.41
C GLY A 206 -10.52 -22.16 -16.72
N ASP A 207 -10.37 -20.83 -16.59
CA ASP A 207 -11.31 -19.94 -15.91
C ASP A 207 -11.44 -20.25 -14.42
N TRP A 208 -10.43 -20.93 -13.86
CA TRP A 208 -10.47 -21.29 -12.45
C TRP A 208 -10.43 -20.07 -11.53
N TYR A 209 -9.98 -18.92 -12.03
CA TYR A 209 -9.88 -17.74 -11.18
C TYR A 209 -11.25 -17.23 -10.75
N PHE A 210 -12.32 -17.70 -11.40
CA PHE A 210 -13.66 -17.38 -10.93
C PHE A 210 -13.97 -18.03 -9.58
N ILE A 211 -13.16 -19.03 -9.19
CA ILE A 211 -13.21 -19.62 -7.86
C ILE A 211 -12.02 -19.17 -7.02
N GLY A 212 -10.83 -19.12 -7.63
CA GLY A 212 -9.63 -18.78 -6.87
C GLY A 212 -9.61 -17.35 -6.36
N LEU A 213 -10.05 -16.39 -7.18
CA LEU A 213 -10.06 -15.01 -6.70
C LEU A 213 -11.02 -14.84 -5.53
N PRO A 214 -12.25 -15.36 -5.56
CA PRO A 214 -13.07 -15.32 -4.34
C PRO A 214 -12.35 -15.90 -3.13
N ALA A 215 -11.65 -17.03 -3.30
CA ALA A 215 -10.95 -17.64 -2.16
C ALA A 215 -9.89 -16.69 -1.59
N PHE A 216 -9.13 -16.03 -2.46
CA PHE A 216 -8.15 -15.05 -1.99
C PHE A 216 -8.83 -13.88 -1.26
N PHE A 217 -9.83 -13.27 -1.89
CA PHE A 217 -10.53 -12.16 -1.25
C PHE A 217 -11.10 -12.54 0.11
N LEU A 218 -11.79 -13.68 0.19
CA LEU A 218 -12.41 -14.06 1.46
C LEU A 218 -11.38 -14.28 2.55
N THR A 219 -10.23 -14.84 2.20
CA THR A 219 -9.19 -15.03 3.18
C THR A 219 -8.65 -13.69 3.67
N ALA A 220 -8.47 -12.73 2.76
CA ALA A 220 -8.04 -11.40 3.19
C ALA A 220 -9.09 -10.72 4.07
N LEU A 221 -10.37 -10.95 3.76
CA LEU A 221 -11.44 -10.37 4.58
C LEU A 221 -11.45 -10.98 5.98
N TYR A 222 -11.23 -12.29 6.06
CA TYR A 222 -11.05 -12.93 7.36
C TYR A 222 -9.89 -12.30 8.12
N GLU A 223 -8.75 -12.12 7.45
CA GLU A 223 -7.61 -11.50 8.13
C GLU A 223 -7.98 -10.12 8.67
N ALA A 224 -8.77 -9.36 7.90
CA ALA A 224 -9.16 -8.01 8.29
C ALA A 224 -10.16 -7.98 9.44
N THR A 225 -11.03 -8.99 9.53
CA THR A 225 -12.17 -8.96 10.44
C THR A 225 -12.15 -10.00 11.53
N GLU A 226 -11.39 -11.08 11.35
CA GLU A 226 -11.42 -12.26 12.21
C GLU A 226 -12.81 -12.89 12.31
N ASP A 227 -13.68 -12.61 11.34
CA ASP A 227 -15.00 -13.22 11.29
C ASP A 227 -14.87 -14.57 10.60
N ARG A 228 -15.04 -15.66 11.36
CA ARG A 228 -14.78 -16.99 10.83
C ARG A 228 -15.70 -17.39 9.68
N ALA A 229 -16.87 -16.75 9.52
CA ALA A 229 -17.71 -17.07 8.37
C ALA A 229 -16.93 -16.92 7.06
N TYR A 230 -16.05 -15.93 6.99
CA TYR A 230 -15.31 -15.70 5.76
C TYR A 230 -14.22 -16.75 5.58
N LEU A 231 -13.55 -17.12 6.67
CA LEU A 231 -12.59 -18.21 6.59
C LEU A 231 -13.25 -19.53 6.19
N ASP A 232 -14.44 -19.81 6.73
CA ASP A 232 -15.17 -21.03 6.37
C ASP A 232 -15.45 -21.09 4.88
N LEU A 233 -15.90 -19.97 4.29
CA LEU A 233 -16.21 -19.99 2.86
C LEU A 233 -14.94 -20.12 2.02
N ALA A 234 -13.87 -19.41 2.40
CA ALA A 234 -12.61 -19.60 1.69
C ALA A 234 -12.13 -21.06 1.79
N THR A 235 -12.26 -21.65 2.97
CA THR A 235 -11.91 -23.04 3.17
C THR A 235 -12.70 -23.97 2.26
N ASP A 236 -14.02 -23.75 2.18
CA ASP A 236 -14.85 -24.59 1.33
C ASP A 236 -14.46 -24.46 -0.14
N LEU A 237 -14.11 -23.24 -0.58
CA LEU A 237 -13.72 -23.06 -1.97
C LEU A 237 -12.40 -23.74 -2.27
N MET A 238 -11.44 -23.68 -1.34
CA MET A 238 -10.17 -24.37 -1.56
CA MET A 238 -10.17 -24.36 -1.58
C MET A 238 -10.36 -25.87 -1.57
N THR A 239 -11.22 -26.39 -0.68
CA THR A 239 -11.51 -27.83 -0.69
C THR A 239 -12.13 -28.24 -2.01
N TYR A 240 -13.10 -27.45 -2.47
CA TYR A 240 -13.70 -27.64 -3.80
C TYR A 240 -12.64 -27.74 -4.88
N MET A 241 -11.72 -26.78 -4.92
CA MET A 241 -10.73 -26.81 -6.00
C MET A 241 -9.79 -27.99 -5.84
N ASP A 242 -9.48 -28.38 -4.61
CA ASP A 242 -8.48 -29.42 -4.39
C ASP A 242 -9.02 -30.82 -4.60
N GLU A 243 -10.30 -31.06 -4.29
CA GLU A 243 -10.84 -32.40 -4.28
C GLU A 243 -11.94 -32.66 -5.29
N ASP A 244 -12.66 -31.63 -5.72
CA ASP A 244 -13.76 -31.80 -6.66
C ASP A 244 -13.47 -31.25 -8.04
N CYS A 245 -12.39 -30.48 -8.19
CA CYS A 245 -12.03 -29.89 -9.46
C CYS A 245 -10.91 -30.67 -10.13
N ASP A 246 -10.87 -30.59 -11.46
CA ASP A 246 -9.80 -31.18 -12.24
C ASP A 246 -8.44 -30.68 -11.74
N GLU A 247 -7.40 -31.49 -11.96
CA GLU A 247 -6.04 -31.09 -11.60
C GLU A 247 -5.64 -29.78 -12.26
N ASP A 248 -6.29 -29.41 -13.37
CA ASP A 248 -6.01 -28.16 -14.05
C ASP A 248 -6.28 -26.93 -13.19
N ALA A 249 -6.97 -27.09 -12.05
CA ALA A 249 -7.25 -25.95 -11.18
C ALA A 249 -5.98 -25.36 -10.59
N PHE A 250 -4.93 -26.16 -10.42
CA PHE A 250 -3.66 -25.71 -9.88
C PHE A 250 -2.55 -25.75 -10.93
N VAL A 251 -2.93 -25.71 -12.22
CA VAL A 251 -1.97 -25.87 -13.31
C VAL A 251 -2.23 -24.84 -14.41
N ASP A 252 -3.51 -24.56 -14.70
CA ASP A 252 -3.88 -23.58 -15.72
C ASP A 252 -3.27 -22.20 -15.42
N SER A 253 -3.17 -21.38 -16.47
CA SER A 253 -2.57 -20.06 -16.30
C SER A 253 -3.27 -19.23 -15.23
N SER A 254 -4.53 -19.50 -14.93
CA SER A 254 -5.25 -18.69 -13.95
C SER A 254 -5.18 -19.26 -12.54
N CYS A 255 -4.30 -20.24 -12.29
CA CYS A 255 -4.18 -20.87 -10.98
C CYS A 255 -3.46 -19.99 -9.95
N GLY A 256 -2.91 -18.86 -10.36
CA GLY A 256 -2.15 -18.05 -9.42
C GLY A 256 -3.03 -17.52 -8.30
N LYS A 257 -4.29 -17.27 -8.60
CA LYS A 257 -5.21 -16.73 -7.61
C LYS A 257 -5.38 -17.75 -6.48
N ALA A 258 -5.59 -19.02 -6.83
CA ALA A 258 -5.68 -20.08 -5.82
C ALA A 258 -4.35 -20.29 -5.10
N GLY A 259 -3.25 -20.17 -5.82
CA GLY A 259 -1.94 -20.21 -5.18
C GLY A 259 -1.76 -19.12 -4.13
N VAL A 260 -2.20 -17.89 -4.46
CA VAL A 260 -2.08 -16.81 -3.49
C VAL A 260 -3.00 -17.05 -2.30
N ALA A 261 -4.24 -17.46 -2.57
CA ALA A 261 -5.15 -17.80 -1.48
C ALA A 261 -4.55 -18.88 -0.59
N ALA A 262 -3.96 -19.91 -1.20
CA ALA A 262 -3.36 -20.98 -0.39
C ALA A 262 -2.20 -20.46 0.44
N ALA A 263 -1.36 -19.59 -0.12
CA ALA A 263 -0.21 -19.09 0.64
C ALA A 263 -0.68 -18.27 1.83
N LEU A 264 -1.68 -17.41 1.63
CA LEU A 264 -2.25 -16.65 2.74
C LEU A 264 -2.90 -17.57 3.77
N LEU A 265 -3.68 -18.56 3.31
CA LEU A 265 -4.32 -19.48 4.24
C LEU A 265 -3.29 -20.27 5.02
N TYR A 266 -2.18 -20.66 4.39
CA TYR A 266 -1.09 -21.27 5.15
C TYR A 266 -0.57 -20.35 6.25
N ARG A 267 -0.29 -19.08 5.93
CA ARG A 267 0.22 -18.21 6.97
C ARG A 267 -0.78 -18.07 8.12
N LEU A 268 -2.07 -18.03 7.81
CA LEU A 268 -3.06 -17.79 8.86
C LEU A 268 -3.43 -19.07 9.63
N THR A 269 -3.39 -20.24 8.98
CA THR A 269 -3.87 -21.47 9.61
C THR A 269 -2.76 -22.49 9.89
N GLY A 270 -1.64 -22.42 9.18
CA GLY A 270 -0.61 -23.43 9.29
C GLY A 270 -0.89 -24.77 8.63
N ARG A 271 -2.03 -24.92 7.95
CA ARG A 271 -2.37 -26.22 7.36
C ARG A 271 -1.43 -26.57 6.22
N PRO A 272 -0.69 -27.71 6.30
CA PRO A 272 0.38 -27.96 5.32
C PRO A 272 -0.10 -28.13 3.89
N ARG A 273 -1.32 -28.63 3.67
CA ARG A 273 -1.83 -28.75 2.31
C ARG A 273 -1.82 -27.39 1.60
N TYR A 274 -2.13 -26.32 2.33
CA TYR A 274 -2.09 -24.98 1.73
C TYR A 274 -0.67 -24.60 1.32
N ARG A 275 0.32 -24.91 2.18
CA ARG A 275 1.71 -24.69 1.79
C ARG A 275 2.06 -25.47 0.54
N GLU A 276 1.63 -26.73 0.46
CA GLU A 276 1.94 -27.54 -0.71
C GLU A 276 1.32 -26.95 -1.97
N ILE A 277 0.06 -26.51 -1.89
CA ILE A 277 -0.61 -25.94 -3.06
C ILE A 277 0.12 -24.68 -3.51
N ALA A 278 0.46 -23.80 -2.57
CA ALA A 278 1.12 -22.54 -2.91
C ALA A 278 2.52 -22.79 -3.47
N GLU A 279 3.28 -23.69 -2.82
CA GLU A 279 4.61 -24.04 -3.31
C GLU A 279 4.55 -24.60 -4.74
N GLY A 280 3.60 -25.49 -5.00
CA GLY A 280 3.53 -26.12 -6.31
C GLY A 280 3.18 -25.12 -7.39
N ILE A 281 2.25 -24.21 -7.08
CA ILE A 281 1.87 -23.20 -8.04
C ILE A 281 3.01 -22.22 -8.25
N GLY A 282 3.65 -21.77 -7.17
CA GLY A 282 4.76 -20.84 -7.31
C GLY A 282 5.90 -21.41 -8.14
N THR A 283 6.21 -22.70 -7.92
CA THR A 283 7.24 -23.36 -8.68
C THR A 283 6.85 -23.48 -10.15
N LEU A 284 5.60 -23.85 -10.41
CA LEU A 284 5.13 -23.95 -11.80
C LEU A 284 5.25 -22.61 -12.53
N LEU A 285 4.81 -21.53 -11.90
CA LEU A 285 4.93 -20.23 -12.56
C LEU A 285 6.39 -19.85 -12.76
N CYS A 286 7.21 -20.08 -11.75
CA CYS A 286 8.64 -19.82 -11.88
C CYS A 286 9.24 -20.60 -13.07
N GLU A 287 8.88 -21.89 -13.20
CA GLU A 287 9.47 -22.70 -14.27
C GLU A 287 9.01 -22.29 -15.65
N ARG A 288 7.85 -21.64 -15.75
CA ARG A 288 7.34 -21.25 -17.06
C ARG A 288 7.88 -19.90 -17.53
N GLN A 289 8.64 -19.19 -16.70
CA GLN A 289 9.13 -17.87 -17.10
C GLN A 289 10.10 -17.99 -18.26
N SER A 290 10.02 -17.05 -19.19
CA SER A 290 10.97 -17.02 -20.29
C SER A 290 12.37 -16.70 -19.77
N PRO A 291 13.41 -17.00 -20.54
CA PRO A 291 14.77 -16.60 -20.11
C PRO A 291 14.93 -15.09 -20.07
N TYR A 292 14.09 -14.35 -20.79
CA TYR A 292 14.22 -12.91 -20.84
C TYR A 292 13.58 -12.21 -19.65
N GLY A 293 12.56 -12.83 -19.07
CA GLY A 293 11.87 -12.24 -17.94
C GLY A 293 10.35 -12.25 -18.04
N TYR A 294 9.82 -12.10 -19.25
CA TYR A 294 8.37 -12.08 -19.39
C TYR A 294 7.78 -13.49 -19.31
N TRP A 295 6.46 -13.55 -19.20
CA TRP A 295 5.72 -14.79 -19.35
C TRP A 295 4.85 -14.75 -20.60
N SER A 296 4.82 -15.86 -21.33
CA SER A 296 3.90 -16.04 -22.45
C SER A 296 3.81 -17.53 -22.74
N GLU A 297 2.60 -18.01 -23.09
CA GLU A 297 2.45 -19.40 -23.50
C GLU A 297 2.89 -19.64 -24.94
N GLU A 298 3.09 -18.58 -25.72
CA GLU A 298 3.47 -18.74 -27.13
C GLU A 298 4.76 -18.03 -27.50
N GLU A 299 4.98 -16.82 -26.98
CA GLU A 299 6.12 -16.01 -27.37
CA GLU A 299 6.13 -16.04 -27.39
C GLU A 299 7.42 -16.64 -26.85
N THR A 300 8.44 -16.73 -27.72
CA THR A 300 9.71 -17.33 -27.38
C THR A 300 10.92 -16.45 -27.69
N GLY A 301 10.74 -15.30 -28.34
CA GLY A 301 11.84 -14.46 -28.74
C GLY A 301 12.15 -13.31 -27.78
N ASP A 302 13.26 -12.64 -28.08
CA ASP A 302 13.68 -11.45 -27.35
C ASP A 302 12.93 -10.25 -27.93
N VAL A 303 11.71 -10.05 -27.44
CA VAL A 303 10.79 -9.08 -28.02
C VAL A 303 10.80 -7.80 -27.21
N ALA A 304 10.37 -6.71 -27.86
CA ALA A 304 10.29 -5.40 -27.22
C ALA A 304 8.92 -5.12 -26.64
N ASP A 305 7.91 -5.90 -27.02
CA ASP A 305 6.56 -5.71 -26.52
C ASP A 305 5.85 -7.05 -26.56
N LEU A 306 4.63 -7.07 -26.04
CA LEU A 306 3.87 -8.30 -25.88
C LEU A 306 2.42 -8.04 -26.25
N PHE A 307 1.76 -9.07 -26.75
CA PHE A 307 0.30 -9.10 -26.79
C PHE A 307 -0.27 -8.74 -25.42
N TRP A 308 -1.38 -8.00 -25.40
CA TRP A 308 -1.89 -7.43 -24.15
C TRP A 308 -2.07 -8.52 -23.07
N GLY A 309 -2.50 -9.71 -23.47
CA GLY A 309 -2.78 -10.74 -22.50
C GLY A 309 -1.52 -11.27 -21.84
N ASP A 310 -0.41 -11.30 -22.58
CA ASP A 310 0.86 -11.72 -22.00
C ASP A 310 1.46 -10.61 -21.13
N LEU A 311 1.26 -9.36 -21.52
CA LEU A 311 1.71 -8.26 -20.66
C LEU A 311 0.97 -8.27 -19.34
N ASP A 312 -0.34 -8.51 -19.40
CA ASP A 312 -1.13 -8.65 -18.18
C ASP A 312 -0.65 -9.84 -17.36
N MET A 313 -0.43 -10.99 -18.01
CA MET A 313 0.04 -12.19 -17.31
C MET A 313 1.40 -11.94 -16.65
N THR A 314 2.28 -11.22 -17.34
CA THR A 314 3.60 -10.94 -16.77
C THR A 314 3.47 -10.11 -15.49
N ALA A 315 2.69 -9.01 -15.54
CA ALA A 315 2.48 -8.23 -14.32
C ALA A 315 1.79 -9.05 -13.25
N GLU A 316 0.81 -9.86 -13.65
CA GLU A 316 0.08 -10.69 -12.70
C GLU A 316 1.00 -11.64 -11.96
N TYR A 317 1.93 -12.28 -12.68
CA TYR A 317 2.83 -13.23 -12.03
C TYR A 317 3.89 -12.54 -11.18
N VAL A 318 4.28 -11.31 -11.51
CA VAL A 318 5.11 -10.55 -10.57
C VAL A 318 4.37 -10.45 -9.24
N LEU A 319 3.09 -10.11 -9.29
CA LEU A 319 2.30 -9.96 -8.07
C LEU A 319 2.11 -11.30 -7.35
N TRP A 320 1.70 -12.34 -8.08
CA TRP A 320 1.41 -13.61 -7.42
C TRP A 320 2.67 -14.24 -6.83
N LEU A 321 3.79 -14.18 -7.56
CA LEU A 321 5.02 -14.76 -7.00
C LEU A 321 5.46 -13.99 -5.76
N ASP A 322 5.33 -12.66 -5.77
CA ASP A 322 5.66 -11.89 -4.58
C ASP A 322 4.77 -12.26 -3.39
N LEU A 323 3.46 -12.33 -3.63
CA LEU A 323 2.51 -12.59 -2.54
C LEU A 323 2.66 -14.01 -2.02
N ILE A 324 2.85 -14.98 -2.92
CA ILE A 324 3.11 -16.35 -2.48
C ILE A 324 4.40 -16.40 -1.69
N GLY A 325 5.44 -15.75 -2.19
CA GLY A 325 6.72 -15.81 -1.51
C GLY A 325 6.66 -15.21 -0.11
N ARG A 326 6.03 -14.05 0.02
CA ARG A 326 6.07 -13.46 1.35
C ARG A 326 5.17 -14.18 2.34
N ASN A 327 4.04 -14.73 1.89
CA ASN A 327 3.19 -15.47 2.83
C ASN A 327 3.77 -16.84 3.15
N LEU A 328 4.44 -17.50 2.19
CA LEU A 328 5.15 -18.74 2.53
C LEU A 328 6.30 -18.50 3.51
N ALA A 329 7.08 -17.43 3.30
CA ALA A 329 8.20 -17.14 4.18
C ALA A 329 7.73 -16.80 5.59
N SER A 330 6.71 -15.93 5.71
CA SER A 330 6.21 -15.63 7.05
C SER A 330 5.48 -16.82 7.65
N GLY A 331 4.79 -17.60 6.83
CA GLY A 331 4.13 -18.80 7.33
C GLY A 331 5.11 -19.79 7.92
N GLU A 332 6.26 -19.96 7.25
CA GLU A 332 7.30 -20.81 7.81
C GLU A 332 7.84 -20.28 9.14
N ARG A 333 8.03 -18.96 9.23
CA ARG A 333 8.48 -18.38 10.49
C ARG A 333 7.48 -18.63 11.60
N VAL A 334 6.17 -18.52 11.30
CA VAL A 334 5.16 -18.66 12.33
C VAL A 334 4.93 -20.12 12.71
N TRP A 335 4.87 -21.03 11.72
CA TRP A 335 4.37 -22.39 11.96
C TRP A 335 5.44 -23.48 11.95
N ALA A 336 6.63 -23.22 11.43
CA ALA A 336 7.59 -24.31 11.27
C ALA A 336 8.80 -24.17 12.19
N GLY B 3 22.35 18.74 -8.64
CA GLY B 3 21.19 18.03 -8.12
C GLY B 3 21.03 16.63 -8.71
N ASN B 4 20.80 15.65 -7.85
CA ASN B 4 20.60 14.28 -8.31
C ASN B 4 19.23 14.12 -8.95
N SER B 5 19.15 13.22 -9.92
CA SER B 5 17.92 12.92 -10.63
C SER B 5 17.04 11.99 -9.80
N PRO B 6 15.74 11.94 -10.10
CA PRO B 6 14.86 11.01 -9.38
C PRO B 6 15.35 9.57 -9.39
N HIS B 7 15.90 9.10 -10.51
CA HIS B 7 16.45 7.75 -10.56
C HIS B 7 17.61 7.58 -9.58
N GLU B 8 18.47 8.60 -9.48
CA GLU B 8 19.57 8.52 -8.53
C GLU B 8 19.08 8.49 -7.09
N LEU B 9 18.02 9.25 -6.78
CA LEU B 9 17.48 9.20 -5.41
C LEU B 9 16.99 7.80 -5.08
N LYS B 10 16.32 7.16 -6.05
CA LYS B 10 15.82 5.82 -5.84
C LYS B 10 16.95 4.82 -5.70
N ASN B 11 18.00 4.95 -6.53
CA ASN B 11 19.12 4.03 -6.42
C ASN B 11 19.78 4.11 -5.04
N ALA B 12 19.83 5.32 -4.44
CA ALA B 12 20.37 5.44 -3.09
C ALA B 12 19.48 4.75 -2.07
N ALA B 13 18.16 4.93 -2.19
CA ALA B 13 17.26 4.21 -1.32
C ALA B 13 17.47 2.70 -1.41
N GLN B 14 17.68 2.17 -2.62
CA GLN B 14 17.82 0.73 -2.78
C GLN B 14 19.10 0.20 -2.14
N ARG B 15 20.20 0.96 -2.23
CA ARG B 15 21.42 0.55 -1.55
CA ARG B 15 21.42 0.54 -1.55
C ARG B 15 21.20 0.45 -0.04
N ALA B 16 20.47 1.42 0.53
CA ALA B 16 20.22 1.37 1.96
C ALA B 16 19.32 0.21 2.33
N ALA B 17 18.30 -0.05 1.51
CA ALA B 17 17.40 -1.15 1.81
C ALA B 17 18.14 -2.49 1.75
N ASP B 18 19.02 -2.66 0.74
CA ASP B 18 19.84 -3.87 0.70
C ASP B 18 20.69 -4.00 1.94
N TRP B 19 21.25 -2.89 2.43
CA TRP B 19 22.07 -2.96 3.62
C TRP B 19 21.27 -3.46 4.81
N LEU B 20 20.05 -2.95 4.98
CA LEU B 20 19.18 -3.40 6.06
C LEU B 20 18.87 -4.88 5.95
N VAL B 21 18.44 -5.32 4.77
CA VAL B 21 17.95 -6.69 4.61
C VAL B 21 19.07 -7.70 4.84
N GLU B 22 20.30 -7.34 4.42
CA GLU B 22 21.42 -8.26 4.62
C GLU B 22 21.69 -8.53 6.09
N ARG B 23 21.30 -7.61 6.98
CA ARG B 23 21.58 -7.72 8.40
C ARG B 23 20.33 -8.02 9.22
N GLN B 24 19.20 -8.25 8.59
CA GLN B 24 17.97 -8.52 9.31
C GLN B 24 18.09 -9.80 10.11
N ARG B 25 17.52 -9.81 11.30
CA ARG B 25 17.60 -10.93 12.21
C ARG B 25 16.53 -11.97 11.90
N PRO B 26 16.71 -13.21 12.37
CA PRO B 26 15.78 -14.27 11.97
C PRO B 26 14.36 -14.02 12.40
N ASN B 27 14.14 -13.35 13.53
CA ASN B 27 12.78 -13.03 13.93
C ASN B 27 12.19 -11.83 13.18
N GLY B 28 12.96 -11.21 12.29
CA GLY B 28 12.49 -10.07 11.53
C GLY B 28 12.97 -8.71 12.02
N ALA B 29 13.55 -8.62 13.22
CA ALA B 29 14.01 -7.33 13.70
C ALA B 29 15.19 -6.81 12.86
N LEU B 30 15.31 -5.50 12.80
CA LEU B 30 16.38 -4.88 12.05
C LEU B 30 17.62 -4.75 12.93
N PRO B 31 18.83 -4.55 12.32
CA PRO B 31 20.08 -4.66 13.11
C PRO B 31 20.38 -3.46 14.00
N SER B 32 19.58 -3.30 15.06
CA SER B 32 19.79 -2.27 16.07
C SER B 32 20.67 -2.80 17.20
N ARG B 33 21.47 -1.90 17.77
CA ARG B 33 22.26 -2.25 18.95
C ARG B 33 21.41 -2.36 20.21
N THR B 34 20.21 -1.78 20.21
CA THR B 34 19.25 -2.00 21.29
C THR B 34 17.95 -2.47 20.68
N ALA B 35 17.27 -3.38 21.39
CA ALA B 35 16.05 -3.98 20.85
C ALA B 35 14.89 -3.08 21.26
N VAL B 36 14.61 -2.08 20.43
CA VAL B 36 13.57 -1.10 20.75
C VAL B 36 12.73 -0.84 19.51
N ILE B 37 11.45 -0.54 19.74
CA ILE B 37 10.54 -0.35 18.61
C ILE B 37 10.92 0.91 17.83
N GLU B 38 11.55 1.89 18.48
CA GLU B 38 11.94 3.09 17.77
C GLU B 38 13.11 2.86 16.83
N SER B 39 13.69 1.66 16.84
CA SER B 39 14.72 1.31 15.87
C SER B 39 14.14 0.78 14.56
N CYS B 40 12.87 0.34 14.53
CA CYS B 40 12.39 -0.35 13.35
C CYS B 40 10.95 -0.03 12.96
N TYR B 41 10.33 1.00 13.55
CA TYR B 41 8.93 1.28 13.25
C TYR B 41 8.70 1.71 11.80
N LYS B 42 9.70 2.29 11.12
CA LYS B 42 9.54 2.64 9.72
C LYS B 42 9.91 1.49 8.80
N GLY B 43 10.29 0.34 9.34
CA GLY B 43 10.88 -0.73 8.53
C GLY B 43 9.90 -1.40 7.57
N MET B 44 8.69 -1.73 8.05
CA MET B 44 7.71 -2.35 7.17
C MET B 44 7.49 -1.51 5.92
N TRP B 45 7.21 -0.22 6.11
CA TRP B 45 6.87 0.63 4.99
C TRP B 45 8.10 0.87 4.12
N ALA B 46 9.25 1.18 4.72
CA ALA B 46 10.46 1.42 3.95
C ALA B 46 10.86 0.22 3.10
N LEU B 47 10.85 -0.98 3.71
CA LEU B 47 11.31 -2.15 2.98
C LEU B 47 10.33 -2.56 1.89
N HIS B 48 9.02 -2.37 2.13
CA HIS B 48 8.03 -2.63 1.09
C HIS B 48 8.26 -1.71 -0.10
N THR B 49 8.49 -0.41 0.15
CA THR B 49 8.73 0.53 -0.92
CA THR B 49 8.72 0.51 -0.96
C THR B 49 9.97 0.13 -1.74
N ALA B 50 10.95 -0.49 -1.09
CA ALA B 50 12.14 -0.95 -1.78
C ALA B 50 11.94 -2.28 -2.50
N GLY B 51 10.73 -2.86 -2.44
CA GLY B 51 10.47 -4.16 -3.03
C GLY B 51 10.94 -5.35 -2.22
N HIS B 52 11.48 -5.14 -1.02
CA HIS B 52 11.90 -6.23 -0.14
C HIS B 52 10.72 -6.68 0.71
N THR B 53 9.74 -7.31 0.05
CA THR B 53 8.48 -7.62 0.71
C THR B 53 8.58 -8.77 1.68
N GLN B 54 9.49 -9.72 1.45
CA GLN B 54 9.70 -10.77 2.44
C GLN B 54 10.34 -10.19 3.70
N ALA B 55 11.34 -9.31 3.56
CA ALA B 55 11.92 -8.63 4.71
C ALA B 55 10.88 -7.77 5.44
N ALA B 56 10.07 -7.02 4.68
CA ALA B 56 9.02 -6.22 5.28
C ALA B 56 8.02 -7.09 6.03
N SER B 57 7.64 -8.22 5.44
CA SER B 57 6.73 -9.14 6.12
C SER B 57 7.36 -9.73 7.38
N ALA B 58 8.69 -9.94 7.36
CA ALA B 58 9.37 -10.40 8.57
C ALA B 58 9.33 -9.33 9.65
N VAL B 59 9.47 -8.05 9.29
CA VAL B 59 9.26 -7.01 10.29
C VAL B 59 7.84 -7.09 10.82
N ALA B 60 6.87 -7.36 9.94
CA ALA B 60 5.48 -7.44 10.37
C ALA B 60 5.27 -8.61 11.33
N ASP B 61 5.98 -9.72 11.11
CA ASP B 61 5.94 -10.84 12.04
C ASP B 61 6.47 -10.44 13.41
N TYR B 62 7.59 -9.72 13.44
CA TYR B 62 8.16 -9.24 14.71
C TYR B 62 7.20 -8.30 15.41
N VAL B 63 6.65 -7.34 14.67
CA VAL B 63 5.70 -6.39 15.24
C VAL B 63 4.47 -7.10 15.77
N THR B 64 3.96 -8.07 15.00
CA THR B 64 2.80 -8.85 15.45
C THR B 64 3.07 -9.57 16.76
N SER B 65 4.29 -10.08 16.94
CA SER B 65 4.60 -10.79 18.18
C SER B 65 4.64 -9.86 19.39
N LEU B 66 4.84 -8.56 19.18
CA LEU B 66 4.83 -7.59 20.26
C LEU B 66 3.47 -6.99 20.51
N LEU B 67 2.52 -7.23 19.62
CA LEU B 67 1.22 -6.57 19.71
C LEU B 67 0.47 -7.01 20.96
N GLN B 68 -0.01 -6.02 21.72
CA GLN B 68 -0.75 -6.26 22.95
C GLN B 68 -2.25 -6.28 22.66
N PRO B 69 -3.06 -6.82 23.58
CA PRO B 69 -4.50 -6.97 23.28
C PRO B 69 -5.21 -5.66 22.97
N ASP B 70 -4.72 -4.52 23.42
CA ASP B 70 -5.36 -3.24 23.12
C ASP B 70 -4.91 -2.64 21.79
N GLY B 71 -4.03 -3.31 21.04
CA GLY B 71 -3.58 -2.79 19.75
C GLY B 71 -2.34 -1.92 19.83
N ASP B 72 -1.78 -1.73 21.01
CA ASP B 72 -0.57 -0.93 21.20
C ASP B 72 0.65 -1.83 21.22
N ILE B 73 1.80 -1.20 21.04
CA ILE B 73 3.12 -1.77 21.31
C ILE B 73 3.77 -0.86 22.33
N PRO B 74 3.48 -1.05 23.63
CA PRO B 74 4.04 -0.16 24.65
C PRO B 74 5.51 -0.42 24.96
N GLN B 75 6.03 -1.59 24.59
CA GLN B 75 7.39 -2.01 24.84
C GLN B 75 7.83 -2.87 23.67
N PRO B 76 9.12 -2.87 23.33
CA PRO B 76 10.19 -2.14 24.02
C PRO B 76 10.34 -0.69 23.56
N ARG B 77 10.34 0.26 24.50
CA ARG B 77 10.53 1.67 24.23
C ARG B 77 11.48 2.25 25.27
N GLU B 78 12.44 3.04 24.84
CA GLU B 78 13.39 3.68 25.75
C GLU B 78 13.52 5.18 25.52
N GLU B 79 13.46 5.63 24.27
CA GLU B 79 13.66 7.05 23.97
C GLU B 79 12.48 7.88 24.45
N ARG B 80 12.77 8.95 25.20
CA ARG B 80 11.72 9.75 25.81
C ARG B 80 10.78 10.37 24.76
N TYR B 81 11.30 10.72 23.58
CA TYR B 81 10.41 11.25 22.55
C TYR B 81 9.33 10.24 22.16
N PHE B 82 9.60 8.94 22.30
CA PHE B 82 8.59 7.94 22.03
C PHE B 82 7.82 7.55 23.27
N LEU B 83 7.92 8.34 24.33
CA LEU B 83 7.15 8.09 25.54
C LEU B 83 6.22 9.24 25.88
N ASP B 84 6.72 10.47 25.94
CA ASP B 84 5.84 11.56 26.30
C ASP B 84 5.85 12.75 25.35
N VAL B 85 6.63 12.72 24.27
CA VAL B 85 6.62 13.82 23.31
C VAL B 85 5.73 13.47 22.12
N HIS B 86 6.03 12.34 21.43
CA HIS B 86 5.14 11.84 20.38
C HIS B 86 5.13 10.30 20.41
N TYR B 87 4.46 9.78 21.44
CA TYR B 87 4.33 8.33 21.62
C TYR B 87 3.84 7.64 20.35
N LEU B 88 2.79 8.18 19.72
CA LEU B 88 2.15 7.55 18.58
C LEU B 88 2.96 7.63 17.29
N TYR B 89 4.11 8.30 17.30
CA TYR B 89 4.92 8.36 16.08
C TYR B 89 5.31 6.96 15.64
N ALA B 90 5.66 6.09 16.58
CA ALA B 90 5.93 4.69 16.23
C ALA B 90 4.68 4.04 15.66
N ASN B 91 3.55 4.18 16.36
CA ASN B 91 2.33 3.49 15.96
C ASN B 91 1.88 3.89 14.56
N GLY B 92 2.08 5.17 14.19
CA GLY B 92 1.61 5.64 12.89
C GLY B 92 2.29 4.94 11.73
N TYR B 93 3.62 4.84 11.77
CA TYR B 93 4.32 4.16 10.69
C TYR B 93 4.03 2.67 10.71
N LEU B 94 3.86 2.08 11.90
CA LEU B 94 3.54 0.66 11.95
C LEU B 94 2.20 0.39 11.26
N THR B 95 1.22 1.26 11.51
CA THR B 95 -0.11 1.12 10.89
C THR B 95 0.01 1.19 9.37
N ILE B 96 0.74 2.19 8.87
CA ILE B 96 0.85 2.36 7.41
C ILE B 96 1.56 1.15 6.79
N GLY B 97 2.69 0.76 7.36
CA GLY B 97 3.42 -0.38 6.81
C GLY B 97 2.61 -1.67 6.82
N ALA B 98 1.89 -1.92 7.91
CA ALA B 98 1.05 -3.10 7.97
C ALA B 98 -0.03 -3.06 6.90
N HIS B 99 -0.66 -1.90 6.73
CA HIS B 99 -1.77 -1.82 5.79
C HIS B 99 -1.31 -2.04 4.35
N VAL B 100 -0.22 -1.38 3.97
CA VAL B 100 0.28 -1.48 2.59
C VAL B 100 0.71 -2.90 2.26
N LEU B 101 1.17 -3.66 3.26
CA LEU B 101 1.47 -5.08 3.10
C LEU B 101 0.23 -5.95 3.03
N GLY B 102 -0.95 -5.39 3.22
CA GLY B 102 -2.13 -6.23 3.28
C GLY B 102 -2.32 -6.99 4.56
N ARG B 103 -1.56 -6.66 5.63
CA ARG B 103 -1.78 -7.23 6.96
C ARG B 103 -2.92 -6.47 7.64
N PHE B 104 -4.15 -6.75 7.17
CA PHE B 104 -5.30 -5.92 7.53
C PHE B 104 -5.73 -6.12 8.98
N GLY B 105 -5.46 -7.29 9.56
CA GLY B 105 -5.76 -7.46 10.98
C GLY B 105 -4.81 -6.65 11.83
N LEU B 106 -3.52 -6.64 11.46
CA LEU B 106 -2.54 -5.83 12.16
C LEU B 106 -2.84 -4.35 12.02
N SER B 107 -3.16 -3.90 10.80
CA SER B 107 -3.41 -2.47 10.63
C SER B 107 -4.72 -2.05 11.31
N ARG B 108 -5.75 -2.89 11.27
CA ARG B 108 -6.98 -2.56 12.00
C ARG B 108 -6.71 -2.42 13.50
N LYS B 109 -5.99 -3.37 14.08
CA LYS B 109 -5.78 -3.31 15.53
C LYS B 109 -4.91 -2.13 15.93
N LEU B 110 -3.84 -1.86 15.17
CA LEU B 110 -2.97 -0.72 15.46
C LEU B 110 -3.73 0.60 15.33
N MET B 111 -4.51 0.72 14.25
CA MET B 111 -5.20 1.99 14.00
C MET B 111 -6.32 2.21 15.00
N SER B 112 -6.97 1.13 15.42
CA SER B 112 -8.01 1.28 16.44
C SER B 112 -7.41 1.77 17.75
N PHE B 113 -6.22 1.29 18.10
CA PHE B 113 -5.58 1.82 19.31
C PHE B 113 -5.24 3.29 19.14
N VAL B 114 -4.66 3.64 17.99
CA VAL B 114 -4.34 5.03 17.71
C VAL B 114 -5.56 5.92 17.94
N GLU B 115 -6.73 5.49 17.46
CA GLU B 115 -7.92 6.32 17.60
C GLU B 115 -8.41 6.45 19.03
N THR B 116 -8.07 5.50 19.93
CA THR B 116 -8.41 5.73 21.34
C THR B 116 -7.64 6.90 21.95
N MET B 117 -6.56 7.35 21.34
CA MET B 117 -5.78 8.47 21.84
C MET B 117 -6.15 9.79 21.16
N ARG B 118 -7.17 9.79 20.31
CA ARG B 118 -7.64 11.02 19.69
C ARG B 118 -8.48 11.81 20.68
N ASN B 119 -8.27 13.11 20.71
CA ASN B 119 -9.11 14.05 21.46
C ASN B 119 -10.32 14.38 20.59
N PRO B 120 -11.51 13.94 20.97
CA PRO B 120 -12.66 14.16 20.08
C PRO B 120 -13.10 15.61 19.99
N ALA B 121 -12.74 16.46 20.95
CA ALA B 121 -13.05 17.88 20.87
C ALA B 121 -12.11 18.66 19.94
N THR B 122 -10.82 18.31 19.90
CA THR B 122 -9.86 19.08 19.13
C THR B 122 -9.36 18.38 17.87
N GLY B 123 -9.52 17.07 17.78
CA GLY B 123 -8.93 16.33 16.68
C GLY B 123 -7.47 15.97 16.85
N GLY B 124 -6.83 16.44 17.91
CA GLY B 124 -5.45 16.10 18.16
C GLY B 124 -5.29 14.71 18.76
N PHE B 125 -4.05 14.23 18.72
CA PHE B 125 -3.72 12.93 19.28
C PHE B 125 -2.76 13.12 20.45
N ARG B 126 -3.07 12.47 21.57
CA ARG B 126 -2.35 12.68 22.82
C ARG B 126 -0.87 12.33 22.68
N SER B 127 -0.01 13.14 23.31
CA SER B 127 1.43 12.98 23.16
C SER B 127 2.01 11.85 24.00
N HIS B 128 1.37 11.48 25.10
CA HIS B 128 1.95 10.52 26.02
C HIS B 128 1.15 9.23 26.03
N GLY B 129 1.86 8.10 26.06
CA GLY B 129 1.23 6.83 25.97
C GLY B 129 0.49 6.43 27.24
N PRO B 130 -0.22 5.31 27.17
CA PRO B 130 -1.04 4.89 28.33
C PRO B 130 -0.26 4.68 29.62
N ALA B 131 0.95 4.18 29.54
CA ALA B 131 1.71 3.92 30.76
C ALA B 131 2.42 5.16 31.28
N ILE B 132 2.35 6.27 30.55
CA ILE B 132 3.14 7.46 30.83
C ILE B 132 2.17 8.55 31.33
N PRO B 133 2.36 9.07 32.53
CA PRO B 133 1.48 10.14 33.01
C PRO B 133 1.66 11.40 32.18
N GLY B 134 0.58 12.17 32.08
CA GLY B 134 0.64 13.41 31.32
C GLY B 134 -0.66 14.17 31.48
N ASP B 135 -0.74 15.30 30.79
CA ASP B 135 -1.86 16.23 30.96
C ASP B 135 -2.82 16.25 29.78
N GLY B 136 -2.74 15.29 28.86
CA GLY B 136 -3.62 15.28 27.72
C GLY B 136 -3.19 16.17 26.58
N ARG B 137 -1.99 16.75 26.66
CA ARG B 137 -1.51 17.58 25.56
C ARG B 137 -1.44 16.74 24.29
N CYS B 138 -1.56 17.43 23.14
CA CYS B 138 -1.57 16.82 21.81
C CYS B 138 -0.58 17.58 20.95
N ASP B 139 0.21 16.88 20.14
CA ASP B 139 1.23 17.58 19.37
C ASP B 139 1.07 17.38 17.87
N SER B 140 1.77 18.22 17.11
CA SER B 140 1.62 18.23 15.66
C SER B 140 2.14 16.96 15.01
N VAL B 141 3.12 16.28 15.62
CA VAL B 141 3.72 15.09 15.02
C VAL B 141 2.84 13.87 15.26
N SER B 142 2.42 13.67 16.51
CA SER B 142 1.44 12.64 16.82
C SER B 142 0.20 12.77 15.94
N THR B 143 -0.28 14.01 15.78
CA THR B 143 -1.50 14.23 15.03
C THR B 143 -1.31 14.00 13.54
N SER B 144 -0.21 14.50 12.97
CA SER B 144 0.02 14.36 11.53
CA SER B 144 -0.04 14.35 11.52
C SER B 144 0.25 12.91 11.12
N ILE B 145 1.04 12.17 11.91
CA ILE B 145 1.30 10.79 11.49
C ILE B 145 0.05 9.93 11.70
N SER B 146 -0.75 10.22 12.74
CA SER B 146 -2.00 9.49 12.91
C SER B 146 -2.99 9.82 11.79
N GLY B 147 -2.99 11.08 11.33
CA GLY B 147 -3.82 11.43 10.20
C GLY B 147 -3.37 10.75 8.92
N LEU B 148 -2.06 10.65 8.69
CA LEU B 148 -1.58 9.93 7.53
C LEU B 148 -1.93 8.44 7.59
N ALA B 149 -1.77 7.83 8.77
CA ALA B 149 -2.22 6.45 8.94
C ALA B 149 -3.72 6.31 8.66
N ALA B 150 -4.50 7.30 9.10
CA ALA B 150 -5.93 7.28 8.81
C ALA B 150 -6.19 7.33 7.32
N LEU B 151 -5.39 8.11 6.57
CA LEU B 151 -5.56 8.15 5.12
C LEU B 151 -5.28 6.80 4.49
N TYR B 152 -4.18 6.16 4.89
CA TYR B 152 -3.85 4.87 4.32
C TYR B 152 -4.86 3.79 4.69
N THR B 153 -5.49 3.87 5.86
CA THR B 153 -6.48 2.87 6.25
C THR B 153 -7.90 3.28 5.88
N GLY B 154 -8.07 4.39 5.18
CA GLY B 154 -9.40 4.77 4.73
C GLY B 154 -10.26 5.46 5.77
N ARG B 155 -9.71 5.85 6.91
CA ARG B 155 -10.48 6.56 7.93
CA ARG B 155 -10.48 6.56 7.93
C ARG B 155 -10.37 8.06 7.69
N VAL B 156 -10.99 8.50 6.60
CA VAL B 156 -10.77 9.87 6.12
C VAL B 156 -11.36 10.89 7.08
N ASP B 157 -12.46 10.57 7.76
CA ASP B 157 -12.99 11.52 8.74
C ASP B 157 -12.00 11.77 9.86
N THR B 158 -11.30 10.73 10.31
CA THR B 158 -10.24 10.91 11.30
C THR B 158 -9.14 11.82 10.76
N ALA B 159 -8.76 11.62 9.50
CA ALA B 159 -7.74 12.46 8.90
C ALA B 159 -8.19 13.91 8.81
N ARG B 160 -9.45 14.14 8.45
CA ARG B 160 -9.95 15.51 8.38
C ARG B 160 -9.93 16.16 9.75
N SER B 161 -10.25 15.39 10.78
CA SER B 161 -10.24 15.93 12.14
C SER B 161 -8.81 16.27 12.57
N ALA B 162 -7.85 15.43 12.19
CA ALA B 162 -6.44 15.73 12.45
C ALA B 162 -6.03 17.03 11.76
N ALA B 163 -6.49 17.24 10.54
CA ALA B 163 -6.17 18.47 9.83
C ALA B 163 -6.77 19.69 10.54
N ASP B 164 -7.98 19.54 11.07
CA ASP B 164 -8.61 20.64 11.82
C ASP B 164 -7.74 21.04 13.01
N PHE B 165 -7.24 20.05 13.75
CA PHE B 165 -6.31 20.34 14.85
C PHE B 165 -5.09 21.10 14.36
N LEU B 166 -4.51 20.67 13.23
CA LEU B 166 -3.32 21.35 12.72
C LEU B 166 -3.65 22.78 12.29
N GLY B 167 -4.82 22.99 11.69
CA GLY B 167 -5.21 24.35 11.36
C GLY B 167 -5.35 25.22 12.59
N SER B 168 -5.96 24.68 13.65
CA SER B 168 -6.12 25.43 14.89
CA SER B 168 -6.12 25.43 14.89
C SER B 168 -4.77 25.75 15.51
N LEU B 169 -3.85 24.77 15.52
CA LEU B 169 -2.50 24.98 16.02
C LEU B 169 -1.81 26.11 15.28
N TRP B 170 -1.92 26.12 13.94
CA TRP B 170 -1.28 27.12 13.12
C TRP B 170 -1.86 28.51 13.38
N VAL B 171 -3.19 28.62 13.38
CA VAL B 171 -3.84 29.92 13.60
C VAL B 171 -3.48 30.48 14.96
N GLY B 172 -3.44 29.62 15.98
CA GLY B 172 -3.22 30.01 17.37
C GLY B 172 -1.80 30.33 17.78
N GLN B 173 -0.84 30.30 16.87
CA GLN B 173 0.56 30.57 17.20
C GLN B 173 0.71 31.99 17.74
N PRO B 174 1.25 32.18 18.94
CA PRO B 174 1.39 33.54 19.48
C PRO B 174 2.59 34.33 18.95
N ASP B 175 3.60 33.66 18.40
CA ASP B 175 4.81 34.38 17.98
C ASP B 175 5.51 33.62 16.86
N ARG B 176 4.81 33.40 15.74
CA ARG B 176 5.33 32.46 14.76
C ARG B 176 6.64 32.93 14.13
N LYS B 177 6.94 34.23 14.17
CA LYS B 177 8.22 34.70 13.64
C LYS B 177 9.41 34.11 14.39
N ASN B 178 9.25 33.81 15.69
CA ASN B 178 10.35 33.36 16.51
C ASN B 178 10.23 31.91 16.97
N VAL B 179 9.02 31.40 17.16
CA VAL B 179 8.86 30.07 17.71
C VAL B 179 7.64 29.41 17.08
N PHE B 180 7.75 28.12 16.79
CA PHE B 180 6.60 27.30 16.44
C PHE B 180 6.29 26.42 17.65
N HIS B 181 5.17 26.70 18.31
CA HIS B 181 4.73 25.89 19.44
C HIS B 181 3.94 24.71 18.88
N ALA B 182 4.51 23.51 18.96
CA ALA B 182 3.96 22.33 18.29
C ALA B 182 2.93 21.58 19.12
N VAL B 183 2.57 22.08 20.31
CA VAL B 183 1.69 21.34 21.21
C VAL B 183 0.50 22.21 21.59
N ALA B 184 -0.65 21.58 21.76
CA ALA B 184 -1.84 22.21 22.31
C ALA B 184 -2.30 21.46 23.56
N ASP B 185 -2.97 22.17 24.47
CA ASP B 185 -3.51 21.47 25.63
C ASP B 185 -4.76 20.67 25.22
N ALA B 186 -5.32 19.97 26.20
CA ALA B 186 -6.49 19.13 25.96
C ALA B 186 -7.71 19.93 25.55
N SER B 187 -7.71 21.24 25.75
CA SER B 187 -8.79 22.12 25.31
C SER B 187 -8.58 22.63 23.91
N GLY B 188 -7.40 22.45 23.34
CA GLY B 188 -7.12 22.89 21.99
C GLY B 188 -6.35 24.19 21.90
N ALA B 189 -6.04 24.81 23.03
CA ALA B 189 -5.27 26.04 23.03
C ALA B 189 -3.79 25.74 22.92
N VAL B 190 -3.09 26.57 22.15
CA VAL B 190 -1.66 26.39 21.96
C VAL B 190 -0.96 26.45 23.31
N LEU B 191 -0.09 25.48 23.56
CA LEU B 191 0.62 25.35 24.81
C LEU B 191 1.97 26.03 24.68
N THR B 192 2.18 27.08 25.45
CA THR B 192 3.41 27.85 25.38
C THR B 192 4.31 27.61 26.58
N SER B 193 3.93 26.69 27.46
CA SER B 193 4.70 26.44 28.67
C SER B 193 6.10 25.96 28.34
N ASP B 194 6.97 26.13 29.34
CA ASP B 194 8.39 25.80 29.22
C ASP B 194 8.64 24.37 28.75
N ASP B 195 7.74 23.43 29.08
CA ASP B 195 7.97 22.01 28.85
C ASP B 195 7.31 21.48 27.57
N ALA B 196 6.70 22.33 26.77
CA ALA B 196 6.05 21.88 25.54
C ALA B 196 6.98 22.08 24.35
N VAL B 197 7.02 21.09 23.46
CA VAL B 197 7.91 21.17 22.30
C VAL B 197 7.68 22.47 21.55
N ALA B 198 8.78 23.16 21.21
CA ALA B 198 8.70 24.42 20.49
C ALA B 198 9.93 24.55 19.60
N VAL B 199 9.71 24.77 18.31
CA VAL B 199 10.82 24.93 17.38
C VAL B 199 11.27 26.38 17.42
N GLN B 200 12.57 26.59 17.64
CA GLN B 200 13.17 27.91 17.59
C GLN B 200 13.46 28.20 16.12
N VAL B 201 12.48 28.81 15.44
CA VAL B 201 12.55 28.84 13.98
C VAL B 201 13.64 29.75 13.43
N ARG B 202 14.23 30.63 14.25
CA ARG B 202 15.32 31.47 13.79
C ARG B 202 16.68 30.95 14.24
N LYS B 203 16.73 29.74 14.81
CA LYS B 203 17.98 29.09 15.20
C LYS B 203 18.16 27.81 14.40
N ALA B 204 19.39 27.31 14.36
CA ALA B 204 19.69 26.05 13.68
C ALA B 204 19.77 24.91 14.69
N GLU B 205 18.63 24.64 15.34
CA GLU B 205 18.55 23.67 16.42
C GLU B 205 17.61 22.50 16.11
N GLY B 206 17.23 22.29 14.85
CA GLY B 206 16.50 21.06 14.54
C GLY B 206 15.03 21.05 14.96
N ASP B 207 14.50 19.82 15.03
CA ASP B 207 13.10 19.53 15.31
C ASP B 207 12.14 20.11 14.26
N TRP B 208 12.64 20.33 13.04
CA TRP B 208 11.82 20.93 11.99
C TRP B 208 10.68 20.02 11.55
N TYR B 209 10.75 18.72 11.84
CA TYR B 209 9.69 17.82 11.41
C TYR B 209 8.37 18.06 12.14
N PHE B 210 8.38 18.81 13.25
CA PHE B 210 7.13 19.23 13.85
C PHE B 210 6.35 20.18 12.94
N ILE B 211 7.03 20.75 11.94
CA ILE B 211 6.39 21.55 10.89
C ILE B 211 6.32 20.78 9.58
N GLY B 212 7.40 20.06 9.24
CA GLY B 212 7.45 19.38 7.95
C GLY B 212 6.49 18.21 7.83
N LEU B 213 6.30 17.43 8.91
CA LEU B 213 5.39 16.31 8.80
C LEU B 213 3.94 16.80 8.62
N PRO B 214 3.46 17.81 9.38
CA PRO B 214 2.16 18.40 9.04
C PRO B 214 2.07 18.82 7.59
N ALA B 215 3.13 19.43 7.04
CA ALA B 215 3.05 19.86 5.64
C ALA B 215 2.87 18.66 4.71
N PHE B 216 3.58 17.56 4.97
CA PHE B 216 3.41 16.36 4.16
C PHE B 216 1.99 15.79 4.29
N PHE B 217 1.53 15.59 5.52
CA PHE B 217 0.20 15.04 5.75
C PHE B 217 -0.88 15.88 5.07
N LEU B 218 -0.83 17.20 5.26
CA LEU B 218 -1.86 18.07 4.70
C LEU B 218 -1.87 18.02 3.19
N THR B 219 -0.69 17.89 2.57
CA THR B 219 -0.64 17.77 1.12
C THR B 219 -1.28 16.45 0.68
N ALA B 220 -0.99 15.37 1.40
CA ALA B 220 -1.63 14.09 1.07
C ALA B 220 -3.14 14.18 1.26
N LEU B 221 -3.60 14.90 2.28
CA LEU B 221 -5.03 15.03 2.49
C LEU B 221 -5.66 15.87 1.39
N TYR B 222 -4.96 16.90 0.93
CA TYR B 222 -5.44 17.64 -0.23
C TYR B 222 -5.54 16.73 -1.45
N GLU B 223 -4.54 15.86 -1.65
CA GLU B 223 -4.61 14.96 -2.80
C GLU B 223 -5.83 14.04 -2.69
N ALA B 224 -6.16 13.63 -1.47
CA ALA B 224 -7.27 12.70 -1.25
C ALA B 224 -8.63 13.36 -1.42
N THR B 225 -8.75 14.65 -1.08
CA THR B 225 -10.05 15.31 -1.00
C THR B 225 -10.26 16.43 -2.01
N GLU B 226 -9.19 16.99 -2.58
CA GLU B 226 -9.23 18.18 -3.44
CA GLU B 226 -9.21 18.17 -3.43
C GLU B 226 -9.71 19.42 -2.70
N ASP B 227 -9.77 19.38 -1.36
CA ASP B 227 -10.21 20.54 -0.59
C ASP B 227 -9.06 21.53 -0.47
N ARG B 228 -9.21 22.68 -1.13
CA ARG B 228 -8.11 23.64 -1.21
C ARG B 228 -7.73 24.21 0.15
N ALA B 229 -8.57 24.08 1.17
CA ALA B 229 -8.19 24.52 2.51
C ALA B 229 -6.95 23.77 2.99
N TYR B 230 -6.83 22.50 2.63
CA TYR B 230 -5.66 21.74 3.07
C TYR B 230 -4.43 22.11 2.25
N LEU B 231 -4.61 22.34 0.95
CA LEU B 231 -3.50 22.79 0.13
C LEU B 231 -2.98 24.13 0.64
N ASP B 232 -3.89 25.05 0.98
CA ASP B 232 -3.49 26.36 1.46
C ASP B 232 -2.69 26.26 2.76
N LEU B 233 -3.13 25.41 3.69
CA LEU B 233 -2.37 25.26 4.92
C LEU B 233 -1.02 24.61 4.66
N ALA B 234 -0.99 23.57 3.81
CA ALA B 234 0.28 22.96 3.49
C ALA B 234 1.25 23.96 2.87
N THR B 235 0.77 24.81 1.96
CA THR B 235 1.67 25.76 1.34
C THR B 235 2.05 26.88 2.31
N ASP B 236 1.14 27.27 3.22
CA ASP B 236 1.53 28.17 4.30
C ASP B 236 2.73 27.63 5.07
N LEU B 237 2.67 26.35 5.44
CA LEU B 237 3.75 25.74 6.20
C LEU B 237 5.04 25.68 5.38
N MET B 238 4.93 25.35 4.08
CA MET B 238 6.14 25.28 3.27
CA MET B 238 6.14 25.27 3.25
C MET B 238 6.78 26.65 3.09
N THR B 239 5.95 27.67 2.82
CA THR B 239 6.47 29.03 2.68
C THR B 239 7.06 29.52 3.99
N TYR B 240 6.43 29.19 5.11
CA TYR B 240 7.00 29.45 6.43
C TYR B 240 8.41 28.88 6.55
N MET B 241 8.58 27.60 6.22
CA MET B 241 9.89 26.98 6.32
C MET B 241 10.88 27.61 5.35
N ASP B 242 10.41 27.99 4.16
CA ASP B 242 11.29 28.51 3.12
C ASP B 242 11.73 29.94 3.42
N GLU B 243 10.82 30.77 3.93
CA GLU B 243 11.04 32.21 3.99
C GLU B 243 11.22 32.76 5.40
N ASP B 244 10.61 32.13 6.40
CA ASP B 244 10.65 32.65 7.76
C ASP B 244 11.52 31.84 8.70
N CYS B 245 11.89 30.62 8.33
CA CYS B 245 12.68 29.75 9.18
C CYS B 245 14.15 29.82 8.79
N ASP B 246 15.00 29.44 9.75
CA ASP B 246 16.42 29.30 9.51
C ASP B 246 16.67 28.35 8.34
N GLU B 247 17.78 28.58 7.64
CA GLU B 247 18.18 27.69 6.55
C GLU B 247 18.29 26.23 7.01
N ASP B 248 18.53 26.02 8.30
CA ASP B 248 18.63 24.66 8.86
C ASP B 248 17.37 23.85 8.61
N ALA B 249 16.22 24.50 8.36
CA ALA B 249 14.98 23.75 8.15
C ALA B 249 15.10 22.79 6.97
N PHE B 250 15.94 23.12 5.99
CA PHE B 250 16.13 22.27 4.81
C PHE B 250 17.49 21.61 4.80
N VAL B 251 18.16 21.54 5.96
CA VAL B 251 19.52 21.02 6.07
C VAL B 251 19.60 19.99 7.20
N ASP B 252 18.85 20.23 8.28
CA ASP B 252 18.84 19.35 9.44
C ASP B 252 18.45 17.93 9.04
N SER B 253 18.88 16.95 9.83
CA SER B 253 18.53 15.56 9.54
C SER B 253 17.02 15.36 9.41
N SER B 254 16.21 16.20 10.04
CA SER B 254 14.76 16.04 10.00
C SER B 254 14.10 16.76 8.83
N CYS B 255 14.88 17.25 7.85
CA CYS B 255 14.28 18.01 6.77
C CYS B 255 13.62 17.13 5.73
N GLY B 256 13.76 15.81 5.82
CA GLY B 256 13.21 14.93 4.81
C GLY B 256 11.70 15.01 4.70
N LYS B 257 11.02 15.30 5.81
CA LYS B 257 9.57 15.41 5.78
C LYS B 257 9.16 16.58 4.87
N ALA B 258 9.83 17.72 5.03
CA ALA B 258 9.58 18.87 4.16
C ALA B 258 9.92 18.58 2.70
N GLY B 259 10.99 17.81 2.48
CA GLY B 259 11.35 17.42 1.12
C GLY B 259 10.26 16.60 0.44
N VAL B 260 9.69 15.63 1.17
CA VAL B 260 8.60 14.84 0.63
C VAL B 260 7.38 15.71 0.36
N ALA B 261 7.07 16.62 1.29
CA ALA B 261 5.95 17.54 1.08
C ALA B 261 6.17 18.38 -0.17
N ALA B 262 7.38 18.93 -0.33
CA ALA B 262 7.69 19.74 -1.51
C ALA B 262 7.55 18.92 -2.79
N ALA B 263 8.02 17.66 -2.78
CA ALA B 263 7.94 16.86 -4.00
C ALA B 263 6.49 16.59 -4.38
N LEU B 264 5.66 16.24 -3.40
CA LEU B 264 4.24 16.05 -3.66
C LEU B 264 3.59 17.35 -4.13
N LEU B 265 3.92 18.47 -3.50
CA LEU B 265 3.35 19.75 -3.90
C LEU B 265 3.75 20.09 -5.33
N TYR B 266 4.98 19.74 -5.70
CA TYR B 266 5.40 19.96 -7.08
C TYR B 266 4.56 19.12 -8.05
N ARG B 267 4.36 17.83 -7.75
CA ARG B 267 3.54 17.04 -8.64
C ARG B 267 2.13 17.59 -8.74
N LEU B 268 1.58 18.07 -7.61
CA LEU B 268 0.18 18.50 -7.59
C LEU B 268 -0.02 19.91 -8.15
N THR B 269 0.99 20.79 -8.05
CA THR B 269 0.81 22.20 -8.42
C THR B 269 1.73 22.68 -9.51
N GLY B 270 2.83 21.97 -9.79
CA GLY B 270 3.78 22.38 -10.81
C GLY B 270 4.66 23.56 -10.44
N ARG B 271 4.58 24.06 -9.22
CA ARG B 271 5.31 25.26 -8.85
C ARG B 271 6.81 24.95 -8.77
N PRO B 272 7.66 25.62 -9.55
CA PRO B 272 9.07 25.20 -9.62
C PRO B 272 9.82 25.29 -8.31
N ARG B 273 9.44 26.20 -7.41
CA ARG B 273 10.15 26.29 -6.14
C ARG B 273 10.04 24.98 -5.37
N TYR B 274 8.88 24.31 -5.43
CA TYR B 274 8.74 23.04 -4.71
C TYR B 274 9.64 21.96 -5.30
N ARG B 275 9.79 21.95 -6.61
CA ARG B 275 10.76 21.05 -7.22
C ARG B 275 12.16 21.34 -6.71
N GLU B 276 12.54 22.63 -6.63
CA GLU B 276 13.88 23.00 -6.15
C GLU B 276 14.11 22.54 -4.72
N ILE B 277 13.14 22.76 -3.84
CA ILE B 277 13.29 22.36 -2.44
C ILE B 277 13.48 20.85 -2.36
N ALA B 278 12.62 20.09 -3.05
CA ALA B 278 12.68 18.63 -3.00
C ALA B 278 14.00 18.11 -3.57
N GLU B 279 14.43 18.65 -4.72
CA GLU B 279 15.68 18.22 -5.31
C GLU B 279 16.84 18.50 -4.37
N GLY B 280 16.84 19.68 -3.76
CA GLY B 280 17.93 20.05 -2.87
C GLY B 280 18.00 19.13 -1.66
N ILE B 281 16.85 18.82 -1.06
CA ILE B 281 16.84 17.93 0.10
C ILE B 281 17.19 16.51 -0.32
N GLY B 282 16.62 16.02 -1.42
CA GLY B 282 16.97 14.69 -1.90
C GLY B 282 18.46 14.55 -2.14
N THR B 283 19.07 15.55 -2.80
CA THR B 283 20.49 15.48 -3.09
C THR B 283 21.33 15.51 -1.82
N LEU B 284 20.95 16.35 -0.85
CA LEU B 284 21.68 16.41 0.41
C LEU B 284 21.66 15.06 1.12
N LEU B 285 20.50 14.41 1.19
CA LEU B 285 20.43 13.09 1.83
C LEU B 285 21.29 12.07 1.08
N CYS B 286 21.21 12.05 -0.24
CA CYS B 286 22.07 11.17 -1.03
C CYS B 286 23.55 11.45 -0.73
N GLU B 287 23.92 12.72 -0.62
CA GLU B 287 25.33 13.05 -0.36
C GLU B 287 25.81 12.56 0.99
N ARG B 288 24.91 12.48 1.97
CA ARG B 288 25.30 12.08 3.32
C ARG B 288 25.37 10.57 3.51
N GLN B 289 24.89 9.79 2.55
CA GLN B 289 24.84 8.35 2.71
C GLN B 289 26.25 7.77 2.78
N SER B 290 26.46 6.84 3.71
CA SER B 290 27.71 6.10 3.73
C SER B 290 27.90 5.37 2.40
N PRO B 291 29.15 5.24 1.95
CA PRO B 291 29.42 4.34 0.81
C PRO B 291 28.91 2.93 1.05
N TYR B 292 28.81 2.49 2.30
CA TYR B 292 28.31 1.16 2.62
C TYR B 292 26.80 1.04 2.57
N GLY B 293 26.08 2.16 2.54
CA GLY B 293 24.67 2.17 2.24
C GLY B 293 23.79 2.73 3.34
N TYR B 294 24.26 2.75 4.58
CA TYR B 294 23.46 3.26 5.68
C TYR B 294 23.68 4.77 5.85
N TRP B 295 22.92 5.38 6.76
CA TRP B 295 23.21 6.71 7.23
C TRP B 295 23.49 6.67 8.73
N SER B 296 24.41 7.52 9.16
CA SER B 296 24.79 7.58 10.55
C SER B 296 25.32 8.97 10.86
N GLU B 297 24.94 9.49 12.02
CA GLU B 297 25.46 10.78 12.46
C GLU B 297 26.95 10.74 12.70
N GLU B 298 27.47 9.61 13.21
CA GLU B 298 28.85 9.59 13.68
C GLU B 298 29.71 8.50 13.03
N GLU B 299 29.09 7.39 12.63
CA GLU B 299 29.86 6.22 12.21
C GLU B 299 30.10 6.23 10.71
N THR B 300 31.27 5.73 10.32
CA THR B 300 31.63 5.46 8.94
C THR B 300 32.19 4.04 8.91
N GLY B 301 32.38 3.52 7.70
CA GLY B 301 32.92 2.19 7.58
C GLY B 301 31.86 1.10 7.70
N ASP B 302 32.36 -0.13 7.73
CA ASP B 302 31.55 -1.31 7.46
C ASP B 302 31.04 -1.95 8.77
N VAL B 303 30.05 -1.29 9.38
CA VAL B 303 29.52 -1.75 10.66
C VAL B 303 28.50 -2.87 10.43
N ALA B 304 28.36 -3.73 11.44
CA ALA B 304 27.38 -4.80 11.37
C ALA B 304 26.02 -4.38 11.90
N ASP B 305 25.96 -3.29 12.65
CA ASP B 305 24.69 -2.82 13.21
C ASP B 305 24.83 -1.34 13.53
N LEU B 306 23.73 -0.75 13.98
CA LEU B 306 23.70 0.68 14.23
C LEU B 306 22.97 0.96 15.53
N PHE B 307 23.32 2.07 16.16
CA PHE B 307 22.50 2.56 17.25
C PHE B 307 21.12 2.92 16.69
N TRP B 308 20.10 2.84 17.55
CA TRP B 308 18.72 2.83 17.09
C TRP B 308 18.39 4.07 16.25
N GLY B 309 18.93 5.23 16.63
CA GLY B 309 18.60 6.45 15.91
C GLY B 309 19.14 6.42 14.49
N ASP B 310 20.33 5.85 14.29
CA ASP B 310 20.88 5.74 12.94
C ASP B 310 20.11 4.71 12.13
N LEU B 311 19.69 3.61 12.76
CA LEU B 311 18.93 2.62 12.03
C LEU B 311 17.58 3.17 11.61
N ASP B 312 16.93 3.92 12.52
CA ASP B 312 15.69 4.61 12.18
C ASP B 312 15.91 5.59 11.04
N MET B 313 16.98 6.39 11.13
CA MET B 313 17.25 7.36 10.07
C MET B 313 17.50 6.66 8.74
N THR B 314 18.15 5.49 8.77
CA THR B 314 18.44 4.78 7.53
C THR B 314 17.15 4.29 6.88
N ALA B 315 16.23 3.71 7.66
CA ALA B 315 14.95 3.30 7.07
C ALA B 315 14.15 4.52 6.64
N GLU B 316 14.20 5.59 7.43
CA GLU B 316 13.49 6.81 7.09
C GLU B 316 13.92 7.35 5.74
N TYR B 317 15.22 7.36 5.47
CA TYR B 317 15.68 7.94 4.22
C TYR B 317 15.44 7.03 3.02
N VAL B 318 15.36 5.71 3.22
CA VAL B 318 14.81 4.85 2.18
C VAL B 318 13.46 5.37 1.73
N LEU B 319 12.58 5.61 2.70
CA LEU B 319 11.22 6.07 2.41
C LEU B 319 11.22 7.45 1.76
N TRP B 320 11.94 8.41 2.35
CA TRP B 320 11.86 9.78 1.82
C TRP B 320 12.48 9.86 0.44
N LEU B 321 13.64 9.22 0.23
CA LEU B 321 14.24 9.28 -1.11
C LEU B 321 13.33 8.64 -2.12
N ASP B 322 12.67 7.55 -1.75
CA ASP B 322 11.73 6.94 -2.67
C ASP B 322 10.55 7.85 -2.96
N LEU B 323 9.96 8.46 -1.92
CA LEU B 323 8.79 9.31 -2.12
C LEU B 323 9.15 10.58 -2.88
N ILE B 324 10.28 11.21 -2.54
CA ILE B 324 10.74 12.38 -3.30
C ILE B 324 10.96 12.00 -4.75
N GLY B 325 11.67 10.89 -4.98
CA GLY B 325 12.01 10.51 -6.34
C GLY B 325 10.78 10.24 -7.20
N ARG B 326 9.81 9.52 -6.66
CA ARG B 326 8.70 9.20 -7.53
C ARG B 326 7.78 10.39 -7.76
N ASN B 327 7.67 11.31 -6.80
CA ASN B 327 6.85 12.49 -7.04
C ASN B 327 7.55 13.50 -7.94
N LEU B 328 8.88 13.60 -7.87
CA LEU B 328 9.60 14.46 -8.82
C LEU B 328 9.54 13.88 -10.23
N ALA B 329 9.69 12.56 -10.36
CA ALA B 329 9.64 11.95 -11.68
C ALA B 329 8.26 12.13 -12.30
N SER B 330 7.21 11.91 -11.53
CA SER B 330 5.86 12.08 -12.07
C SER B 330 5.55 13.55 -12.30
N GLY B 331 6.04 14.42 -11.42
CA GLY B 331 5.78 15.84 -11.62
C GLY B 331 6.39 16.35 -12.91
N GLU B 332 7.59 15.88 -13.24
CA GLU B 332 8.22 16.25 -14.51
C GLU B 332 7.41 15.73 -15.69
N ARG B 333 6.91 14.49 -15.61
CA ARG B 333 6.05 13.97 -16.66
C ARG B 333 4.79 14.82 -16.84
N VAL B 334 4.15 15.19 -15.73
CA VAL B 334 2.87 15.89 -15.78
C VAL B 334 3.05 17.33 -16.27
N TRP B 335 4.11 17.99 -15.82
CA TRP B 335 4.23 19.44 -16.01
C TRP B 335 5.18 19.83 -17.14
N ALA B 336 5.83 18.87 -17.78
CA ALA B 336 6.71 19.21 -18.88
C ALA B 336 6.42 18.30 -20.06
C01 A1AVA C . -2.80 -15.43 -16.26
C02 A1AVA C . -4.33 -15.51 -16.14
C05 A1AVA C . -6.47 -14.32 -15.37
C06 A1AVA C . -7.05 -13.15 -16.18
C07 A1AVA C . -7.29 -13.40 -17.66
C09 A1AVA C . -7.31 -12.04 -18.38
C11 A1AVA C . -6.27 -12.00 -19.49
C13 A1AVA C . -6.73 -13.89 -13.93
N04 A1AVA C . -5.03 -14.39 -15.54
O03 A1AVA C . -4.90 -16.48 -16.54
O08 A1AVA C . -6.27 -14.18 -18.19
O10 A1AVA C . -8.59 -11.81 -18.92
O12 A1AVA C . -5.04 -11.59 -18.96
O14 A1AVA C . -6.25 -12.56 -13.87
C01 A1AVA D . 16.32 11.55 10.75
C02 A1AVA D . 15.33 12.36 11.58
C05 A1AVA D . 13.02 12.54 12.65
C06 A1AVA D . 12.73 11.83 13.97
C07 A1AVA D . 13.68 12.05 15.15
C09 A1AVA D . 13.40 10.92 16.15
C11 A1AVA D . 14.67 10.10 16.39
C13 A1AVA D . 11.69 12.50 11.90
N04 A1AVA D . 14.01 11.81 11.86
O03 A1AVA D . 15.64 13.42 11.99
O08 A1AVA D . 15.01 12.00 14.71
O10 A1AVA D . 12.91 11.42 17.37
O12 A1AVA D . 14.83 9.18 15.35
O14 A1AVA D . 11.28 11.14 11.80
#